data_6C7B
#
_entry.id   6C7B
#
_cell.length_a   78.647
_cell.length_b   78.647
_cell.length_c   224.029
_cell.angle_alpha   90.00
_cell.angle_beta   90.00
_cell.angle_gamma   90.00
#
_symmetry.space_group_name_H-M   'P 43 21 2'
#
loop_
_entity.id
_entity.type
_entity.pdbx_description
1 polymer 'Malate synthase G'
2 non-polymer '(2Z)-2-hydroxy-4-(6-methoxynaphthalen-2-yl)-4-oxobut-2-enoic acid'
3 non-polymer 'MAGNESIUM ION'
4 non-polymer DI(HYDROXYETHYL)ETHER
5 water water
#
_entity_poly.entity_id   1
_entity_poly.type   'polypeptide(L)'
_entity_poly.pdbx_seq_one_letter_code
;MTDRVSVGNLRIARVLYDFVNNEALPGTDIDPDSFWAGVDKVVADLTPQNQALLNARDELQAQIDKWHRRRVIEPIDMDA
YRQFLTEIGYLLPEPDDFTITTSGVDAEITTTAGPQLVVPVLNARFALNAANARWGSLYDALYGTDVIPETDGAEKGPTY
NKVRGDKVIAYARKFLDDSVPLSSGSFGDATGFTVQDGQLVVALPDKSTGLANPGQFAGYTGAAESPTSVLLINHGLHIE
ILIDPESQVGTTDRAGVKDVILESAITTIMDFEDSVAAVDAADKVLGYRNWLGLNKGDLAAAVDKDGTAFLRVLNRDRNY
TAPGGGQFTLPGRSLMFVRNVGHLMTNDAIVDTDGSEVFEGIMDALFTGLIAIHGLKASDVNGPLINSRTGSIYIVKPKM
HGPAEVAFTCELFSRVEDVLGLPQNTMKIGIMDEERRTTVNLKACIKAAADRVVFINTGFLDRTGDEIHTSMEAGPMVRK
GTMKSQPWILAYEDHNVDAGLAAGFSGRAQVGKGMWTMTELMADMVETKIAQPRAGASTAWVPSPTAATLHALHYHQVDV
AAVQQGLAGKRRATIEQLLTIPLAKELAWAPDEIREEVDNNCQSILGYVVRWVDQGVGASKVPDIHDVALMEDRATLRIS
SQLLANWLRHGVITSADVRASLERMAPLVDRQNAGDVAYRPMAPNFDDSIAFLAAQELILSGAQQPNGYTEPILHRRRRE
FKARAAEKPAPSDRAGDDAAR
;
_entity_poly.pdbx_strand_id   A
#
# COMPACT_ATOMS: atom_id res chain seq x y z
N THR A 2 20.02 30.73 12.14
CA THR A 2 19.38 29.44 11.87
C THR A 2 18.00 29.33 12.52
N ASP A 3 16.97 29.25 11.69
CA ASP A 3 15.61 28.92 12.11
C ASP A 3 15.55 27.53 12.74
N ARG A 4 16.34 27.31 13.81
CA ARG A 4 16.44 25.99 14.43
C ARG A 4 16.40 26.11 15.95
N VAL A 5 15.96 25.04 16.61
CA VAL A 5 15.81 24.99 18.05
C VAL A 5 16.76 23.94 18.60
N SER A 6 17.51 24.31 19.63
CA SER A 6 18.54 23.43 20.19
C SER A 6 17.93 22.61 21.31
N VAL A 7 18.05 21.29 21.20
CA VAL A 7 17.64 20.37 22.24
C VAL A 7 18.77 19.34 22.33
N GLY A 8 19.64 19.51 23.31
CA GLY A 8 20.78 18.61 23.43
C GLY A 8 21.64 18.76 22.21
N ASN A 9 21.98 17.64 21.59
CA ASN A 9 22.80 17.65 20.38
C ASN A 9 22.00 17.94 19.11
N LEU A 10 20.69 18.15 19.20
CA LEU A 10 19.86 18.30 18.01
C LEU A 10 19.51 19.76 17.73
N ARG A 11 19.42 20.10 16.45
CA ARG A 11 18.95 21.40 15.99
C ARG A 11 17.68 21.18 15.17
N ILE A 12 16.53 21.46 15.77
CA ILE A 12 15.22 21.12 15.24
C ILE A 12 14.65 22.30 14.45
N ALA A 13 14.21 22.03 13.21
CA ALA A 13 13.60 23.05 12.39
C ALA A 13 12.43 23.68 13.15
N ARG A 14 12.36 25.00 13.13
CA ARG A 14 11.38 25.68 13.98
C ARG A 14 9.96 25.29 13.60
N VAL A 15 9.69 25.15 12.30
CA VAL A 15 8.34 24.81 11.88
C VAL A 15 7.91 23.47 12.46
N LEU A 16 8.84 22.54 12.58
CA LEU A 16 8.51 21.24 13.14
C LEU A 16 8.38 21.32 14.66
N TYR A 17 9.35 21.98 15.32
CA TYR A 17 9.27 22.16 16.77
C TYR A 17 7.93 22.78 17.18
N ASP A 18 7.53 23.86 16.52
CA ASP A 18 6.28 24.52 16.88
C ASP A 18 5.09 23.61 16.63
N PHE A 19 5.05 22.95 15.47
CA PHE A 19 3.94 22.05 15.19
C PHE A 19 3.78 21.02 16.30
N VAL A 20 4.88 20.41 16.74
CA VAL A 20 4.75 19.39 17.77
C VAL A 20 4.28 20.00 19.09
N ASN A 21 4.82 21.16 19.47
CA ASN A 21 4.45 21.76 20.74
C ASN A 21 3.00 22.25 20.74
N ASN A 22 2.57 22.89 19.66
CA ASN A 22 1.29 23.57 19.61
C ASN A 22 0.14 22.67 19.18
N GLU A 23 0.40 21.63 18.42
CA GLU A 23 -0.69 20.86 17.84
C GLU A 23 -0.64 19.40 18.24
N ALA A 24 0.55 18.82 18.31
CA ALA A 24 0.63 17.37 18.52
C ALA A 24 0.73 16.99 19.99
N LEU A 25 1.44 17.77 20.79
CA LEU A 25 1.57 17.41 22.20
C LEU A 25 0.33 17.71 23.04
N PRO A 26 -0.38 18.82 22.81
CA PRO A 26 -1.54 19.12 23.69
C PRO A 26 -2.62 18.06 23.58
N GLY A 27 -2.98 17.49 24.72
CA GLY A 27 -3.96 16.43 24.79
C GLY A 27 -3.38 15.07 25.07
N THR A 28 -2.06 14.94 25.12
CA THR A 28 -1.41 13.65 25.31
C THR A 28 -0.98 13.43 26.75
N ASP A 29 -0.96 14.48 27.56
CA ASP A 29 -0.41 14.45 28.91
C ASP A 29 1.08 14.10 28.92
N ILE A 30 1.78 14.32 27.83
CA ILE A 30 3.22 14.16 27.78
C ILE A 30 3.85 15.53 27.96
N ASP A 31 4.72 15.62 28.94
CA ASP A 31 5.46 16.84 29.23
C ASP A 31 6.33 17.21 28.03
N PRO A 32 6.18 18.39 27.45
CA PRO A 32 7.01 18.76 26.29
C PRO A 32 8.50 18.63 26.52
N ASP A 33 9.02 19.00 27.70
CA ASP A 33 10.46 18.90 27.94
C ASP A 33 10.91 17.44 27.91
N SER A 34 10.10 16.55 28.50
CA SER A 34 10.47 15.14 28.53
C SER A 34 10.42 14.52 27.14
N PHE A 35 9.50 15.00 26.30
CA PHE A 35 9.42 14.47 24.95
C PHE A 35 10.68 14.80 24.18
N TRP A 36 11.04 16.09 24.13
CA TRP A 36 12.21 16.51 23.36
C TRP A 36 13.50 15.92 23.93
N ALA A 37 13.60 15.82 25.24
CA ALA A 37 14.75 15.13 25.81
C ALA A 37 14.80 13.69 25.33
N GLY A 38 13.64 13.05 25.17
CA GLY A 38 13.61 11.68 24.69
C GLY A 38 13.94 11.56 23.21
N VAL A 39 13.41 12.48 22.41
CA VAL A 39 13.86 12.63 21.03
C VAL A 39 15.38 12.64 20.97
N ASP A 40 16.03 13.53 21.74
CA ASP A 40 17.49 13.62 21.74
C ASP A 40 18.14 12.31 22.21
N LYS A 41 17.61 11.72 23.27
CA LYS A 41 18.21 10.50 23.81
C LYS A 41 18.09 9.34 22.82
N VAL A 42 16.89 9.12 22.29
CA VAL A 42 16.67 8.02 21.35
C VAL A 42 17.56 8.17 20.11
N VAL A 43 17.62 9.38 19.55
CA VAL A 43 18.43 9.57 18.34
C VAL A 43 19.90 9.28 18.62
N ALA A 44 20.41 9.67 19.79
CA ALA A 44 21.82 9.44 20.09
C ALA A 44 22.11 7.96 20.35
N ASP A 45 21.22 7.29 21.07
CA ASP A 45 21.39 5.87 21.38
C ASP A 45 21.32 4.98 20.14
N LEU A 46 20.38 5.24 19.23
CA LEU A 46 20.08 4.28 18.16
C LEU A 46 20.73 4.58 16.82
N THR A 47 21.16 5.82 16.57
CA THR A 47 21.80 6.16 15.30
C THR A 47 22.97 5.28 14.95
N PRO A 48 23.91 4.96 15.86
CA PRO A 48 25.02 4.09 15.46
C PRO A 48 24.56 2.74 14.91
N GLN A 49 23.68 2.04 15.65
CA GLN A 49 23.14 0.77 15.18
CA GLN A 49 23.18 0.76 15.15
C GLN A 49 22.48 0.92 13.81
N ASN A 50 21.65 1.95 13.67
CA ASN A 50 21.03 2.24 12.38
C ASN A 50 22.08 2.30 11.29
N GLN A 51 23.19 3.00 11.56
CA GLN A 51 24.21 3.20 10.54
C GLN A 51 24.95 1.88 10.25
N ALA A 52 25.33 1.17 11.31
CA ALA A 52 25.94 -0.15 11.16
C ALA A 52 25.13 -1.04 10.22
N LEU A 53 23.81 -1.08 10.41
CA LEU A 53 22.95 -1.89 9.56
C LEU A 53 23.04 -1.47 8.09
N LEU A 54 23.03 -0.16 7.82
CA LEU A 54 23.15 0.29 6.44
C LEU A 54 24.50 -0.11 5.84
N ASN A 55 25.59 0.00 6.62
CA ASN A 55 26.90 -0.44 6.14
C ASN A 55 26.90 -1.93 5.83
N ALA A 56 26.20 -2.73 6.64
CA ALA A 56 26.12 -4.16 6.40
C ALA A 56 25.46 -4.48 5.07
N ARG A 57 24.33 -3.81 4.75
CA ARG A 57 23.78 -3.93 3.41
C ARG A 57 24.87 -3.77 2.36
N ASP A 58 25.72 -2.75 2.53
CA ASP A 58 26.72 -2.41 1.53
C ASP A 58 27.82 -3.45 1.46
N GLU A 59 28.28 -3.92 2.61
CA GLU A 59 29.21 -5.04 2.67
C GLU A 59 28.69 -6.24 1.90
N LEU A 60 27.43 -6.62 2.16
CA LEU A 60 26.89 -7.82 1.53
C LEU A 60 26.75 -7.63 0.03
N GLN A 61 26.30 -6.45 -0.41
CA GLN A 61 26.11 -6.25 -1.84
C GLN A 61 27.43 -6.28 -2.60
N ALA A 62 28.54 -5.87 -1.95
CA ALA A 62 29.83 -5.87 -2.64
C ALA A 62 30.38 -7.28 -2.76
N GLN A 63 30.24 -8.10 -1.71
CA GLN A 63 30.67 -9.48 -1.81
C GLN A 63 29.89 -10.23 -2.88
N ILE A 64 28.59 -9.94 -3.01
CA ILE A 64 27.81 -10.60 -4.05
C ILE A 64 28.24 -10.10 -5.44
N ASP A 65 28.38 -8.78 -5.60
CA ASP A 65 28.96 -8.22 -6.83
C ASP A 65 30.24 -8.95 -7.23
N LYS A 66 31.16 -9.11 -6.28
CA LYS A 66 32.45 -9.71 -6.60
C LYS A 66 32.29 -11.20 -6.90
N TRP A 67 31.28 -11.85 -6.30
CA TRP A 67 31.05 -13.27 -6.56
C TRP A 67 30.69 -13.51 -8.03
N HIS A 68 29.75 -12.73 -8.55
CA HIS A 68 29.35 -12.87 -9.95
C HIS A 68 30.49 -12.51 -10.90
N ARG A 69 31.31 -11.52 -10.50
CA ARG A 69 32.38 -11.07 -11.38
C ARG A 69 33.49 -12.10 -11.51
N ARG A 70 33.78 -12.87 -10.45
CA ARG A 70 34.87 -13.83 -10.47
C ARG A 70 34.48 -15.17 -11.08
N ARG A 71 33.29 -15.27 -11.68
CA ARG A 71 32.88 -16.52 -12.29
C ARG A 71 32.30 -16.27 -13.67
N VAL A 72 32.80 -16.99 -14.68
CA VAL A 72 32.21 -17.01 -16.01
C VAL A 72 31.29 -18.21 -16.20
N ILE A 73 31.40 -19.19 -15.34
CA ILE A 73 30.59 -20.38 -15.45
C ILE A 73 29.12 -20.02 -15.49
N GLU A 74 28.41 -20.55 -16.45
CA GLU A 74 27.01 -20.25 -16.57
C GLU A 74 26.29 -21.49 -17.00
N PRO A 75 25.03 -21.60 -16.67
CA PRO A 75 24.23 -20.61 -15.92
C PRO A 75 24.48 -20.44 -14.43
N ILE A 76 24.47 -21.53 -13.67
CA ILE A 76 24.67 -21.44 -12.22
C ILE A 76 24.93 -22.76 -11.49
N ASP A 77 25.38 -22.63 -10.25
CA ASP A 77 25.62 -23.77 -9.37
C ASP A 77 24.86 -23.41 -8.09
N MET A 78 23.54 -23.47 -8.14
CA MET A 78 22.71 -23.09 -7.01
C MET A 78 23.33 -23.58 -5.71
N ASP A 79 23.87 -24.81 -5.71
CA ASP A 79 24.55 -25.32 -4.54
C ASP A 79 25.66 -24.40 -4.06
N ALA A 80 26.45 -23.89 -5.00
CA ALA A 80 27.56 -23.00 -4.65
C ALA A 80 27.06 -21.64 -4.19
N TYR A 81 26.13 -21.07 -4.94
CA TYR A 81 25.58 -19.74 -4.64
C TYR A 81 24.91 -19.72 -3.27
N ARG A 82 24.17 -20.78 -2.94
CA ARG A 82 23.52 -20.90 -1.65
C ARG A 82 24.54 -21.02 -0.52
N GLN A 83 25.60 -21.79 -0.75
CA GLN A 83 26.63 -21.95 0.27
C GLN A 83 27.35 -20.62 0.54
N PHE A 84 27.57 -19.84 -0.52
CA PHE A 84 28.21 -18.53 -0.38
C PHE A 84 27.34 -17.57 0.43
N LEU A 85 26.05 -17.48 0.09
CA LEU A 85 25.12 -16.63 0.82
C LEU A 85 25.08 -17.01 2.30
N THR A 86 25.20 -18.31 2.60
CA THR A 86 25.24 -18.75 3.98
C THR A 86 26.54 -18.33 4.65
N GLU A 87 27.66 -18.54 3.96
CA GLU A 87 28.96 -18.18 4.48
C GLU A 87 29.01 -16.70 4.86
N ILE A 88 28.61 -15.82 3.94
CA ILE A 88 28.73 -14.38 4.18
C ILE A 88 27.63 -13.84 5.08
N GLY A 89 26.77 -14.69 5.63
CA GLY A 89 25.77 -14.24 6.59
C GLY A 89 24.55 -13.58 5.99
N TYR A 90 24.30 -13.78 4.69
CA TYR A 90 23.13 -13.24 4.01
C TYR A 90 21.90 -14.11 4.27
N LEU A 91 22.13 -15.41 4.22
CA LEU A 91 21.14 -16.45 4.39
C LEU A 91 21.37 -17.06 5.76
N LEU A 92 20.42 -16.91 6.67
CA LEU A 92 20.63 -17.32 8.06
C LEU A 92 19.86 -18.59 8.37
N PRO A 93 20.22 -19.28 9.46
CA PRO A 93 19.51 -20.49 9.87
C PRO A 93 18.04 -20.20 10.14
N GLU A 94 17.19 -21.13 9.72
CA GLU A 94 15.76 -21.00 9.94
C GLU A 94 15.42 -21.43 11.36
N PRO A 95 14.77 -20.59 12.17
CA PRO A 95 14.49 -20.95 13.56
C PRO A 95 13.39 -21.99 13.65
N ASP A 96 13.22 -22.52 14.86
CA ASP A 96 12.17 -23.52 15.09
C ASP A 96 10.79 -22.87 14.97
N ASP A 97 9.80 -23.72 14.73
CA ASP A 97 8.43 -23.22 14.58
C ASP A 97 8.00 -22.47 15.84
N PHE A 98 7.01 -21.59 15.67
CA PHE A 98 6.52 -20.76 16.77
C PHE A 98 5.18 -20.18 16.36
N THR A 99 4.48 -19.61 17.34
CA THR A 99 3.25 -18.89 17.10
C THR A 99 3.40 -17.45 17.61
N ILE A 100 2.94 -16.49 16.81
CA ILE A 100 3.05 -15.10 17.23
C ILE A 100 2.21 -14.89 18.46
N THR A 101 2.58 -13.90 19.28
CA THR A 101 1.89 -13.62 20.54
C THR A 101 1.27 -12.23 20.56
N THR A 102 1.26 -11.54 19.42
CA THR A 102 0.67 -10.22 19.31
C THR A 102 -0.74 -10.18 19.88
N SER A 103 -0.99 -9.19 20.74
CA SER A 103 -2.29 -9.04 21.38
C SER A 103 -2.67 -7.58 21.36
N GLY A 104 -3.93 -7.31 21.72
CA GLY A 104 -4.42 -5.95 21.69
C GLY A 104 -4.73 -5.42 20.31
N VAL A 105 -5.08 -6.31 19.37
CA VAL A 105 -5.28 -5.95 17.97
C VAL A 105 -6.79 -5.91 17.67
N ASP A 106 -7.19 -4.96 16.80
CA ASP A 106 -8.58 -4.79 16.41
C ASP A 106 -9.03 -5.90 15.44
N ALA A 107 -10.36 -6.10 15.38
CA ALA A 107 -10.92 -7.17 14.58
C ALA A 107 -10.68 -6.97 13.09
N GLU A 108 -10.64 -5.71 12.61
CA GLU A 108 -10.36 -5.44 11.21
C GLU A 108 -9.06 -6.09 10.75
N ILE A 109 -8.15 -6.36 11.66
CA ILE A 109 -6.88 -6.99 11.35
C ILE A 109 -6.90 -8.47 11.69
N THR A 110 -7.36 -8.84 12.89
CA THR A 110 -7.27 -10.23 13.34
C THR A 110 -8.22 -11.13 12.56
N THR A 111 -9.35 -10.58 12.10
CA THR A 111 -10.48 -11.41 11.76
C THR A 111 -11.03 -11.13 10.35
N THR A 112 -11.28 -9.88 10.04
CA THR A 112 -11.91 -9.54 8.78
C THR A 112 -10.92 -9.68 7.63
N ALA A 113 -11.38 -10.26 6.52
CA ALA A 113 -10.65 -10.27 5.26
C ALA A 113 -11.30 -9.27 4.31
N GLY A 114 -10.50 -8.39 3.72
CA GLY A 114 -11.04 -7.42 2.78
C GLY A 114 -10.00 -6.45 2.26
N PRO A 115 -10.40 -5.57 1.33
CA PRO A 115 -9.44 -4.65 0.70
C PRO A 115 -8.69 -3.77 1.71
N GLN A 116 -7.48 -3.37 1.31
CA GLN A 116 -6.66 -2.45 2.08
C GLN A 116 -6.21 -1.33 1.15
N LEU A 117 -6.54 -0.10 1.49
CA LEU A 117 -6.30 1.05 0.64
C LEU A 117 -5.05 1.81 1.10
N VAL A 118 -4.21 2.25 0.15
CA VAL A 118 -3.01 3.02 0.47
C VAL A 118 -3.16 4.40 -0.14
N VAL A 119 -2.91 5.45 0.65
CA VAL A 119 -3.14 6.83 0.19
C VAL A 119 -2.04 7.78 0.65
N PRO A 120 -1.60 8.73 -0.19
CA PRO A 120 -0.58 9.71 0.23
C PRO A 120 -1.12 10.62 1.33
N VAL A 121 -0.41 10.64 2.47
CA VAL A 121 -0.87 11.45 3.60
C VAL A 121 -0.67 12.94 3.35
N LEU A 122 0.16 13.34 2.39
CA LEU A 122 0.31 14.78 2.16
C LEU A 122 -0.90 15.40 1.42
N ASN A 123 -1.82 14.61 0.88
CA ASN A 123 -2.98 15.16 0.18
C ASN A 123 -4.21 14.94 1.07
N ALA A 124 -4.64 16.00 1.77
CA ALA A 124 -5.65 15.84 2.82
C ALA A 124 -6.97 15.34 2.23
N ARG A 125 -7.33 15.83 1.06
CA ARG A 125 -8.59 15.40 0.44
C ARG A 125 -8.60 13.93 0.08
N PHE A 126 -7.56 13.41 -0.57
CA PHE A 126 -7.48 11.98 -0.80
C PHE A 126 -7.54 11.19 0.51
N ALA A 127 -6.83 11.66 1.55
CA ALA A 127 -6.78 10.90 2.80
C ALA A 127 -8.16 10.81 3.44
N LEU A 128 -8.95 11.89 3.37
CA LEU A 128 -10.31 11.87 3.91
C LEU A 128 -11.18 10.86 3.15
N ASN A 129 -11.11 10.88 1.81
CA ASN A 129 -11.90 9.91 1.06
C ASN A 129 -11.50 8.49 1.40
N ALA A 130 -10.20 8.27 1.63
CA ALA A 130 -9.73 6.93 1.97
C ALA A 130 -10.31 6.47 3.30
N ALA A 131 -10.19 7.31 4.33
CA ALA A 131 -10.78 6.98 5.62
C ALA A 131 -12.29 6.77 5.52
N ASN A 132 -12.95 7.49 4.63
CA ASN A 132 -14.39 7.30 4.44
C ASN A 132 -14.72 6.12 3.52
N ALA A 133 -13.72 5.51 2.90
CA ALA A 133 -13.96 4.45 1.92
C ALA A 133 -14.29 3.11 2.56
N ARG A 134 -14.48 3.08 3.89
CA ARG A 134 -15.00 1.88 4.54
C ARG A 134 -16.32 1.43 3.94
N TRP A 135 -17.13 2.37 3.45
CA TRP A 135 -18.37 2.09 2.73
C TRP A 135 -18.31 2.80 1.39
N GLY A 136 -18.75 2.12 0.36
CA GLY A 136 -18.71 2.67 -0.98
C GLY A 136 -19.85 2.16 -1.81
N SER A 137 -20.30 3.00 -2.73
CA SER A 137 -21.42 2.66 -3.59
C SER A 137 -20.97 1.71 -4.69
N LEU A 138 -21.59 0.53 -4.74
CA LEU A 138 -21.32 -0.41 -5.82
C LEU A 138 -21.88 0.09 -7.15
N TYR A 139 -23.06 0.71 -7.14
CA TYR A 139 -23.64 1.21 -8.38
C TYR A 139 -22.75 2.28 -9.00
N ASP A 140 -22.21 3.19 -8.17
CA ASP A 140 -21.27 4.20 -8.68
C ASP A 140 -20.04 3.53 -9.27
N ALA A 141 -19.52 2.49 -8.60
CA ALA A 141 -18.30 1.85 -9.06
C ALA A 141 -18.52 1.03 -10.33
N LEU A 142 -19.70 0.43 -10.48
CA LEU A 142 -20.01 -0.29 -11.71
C LEU A 142 -20.38 0.66 -12.85
N TYR A 143 -21.18 1.70 -12.57
CA TYR A 143 -21.54 2.66 -13.61
C TYR A 143 -20.34 3.46 -14.10
N GLY A 144 -19.43 3.81 -13.18
CA GLY A 144 -18.32 4.70 -13.50
C GLY A 144 -17.12 4.08 -14.18
N THR A 145 -16.98 2.76 -14.16
CA THR A 145 -15.78 2.09 -14.66
C THR A 145 -16.14 1.13 -15.80
N ASP A 146 -15.12 0.51 -16.39
CA ASP A 146 -15.40 -0.40 -17.51
C ASP A 146 -15.81 -1.81 -17.06
N VAL A 147 -16.16 -2.02 -15.79
CA VAL A 147 -16.70 -3.32 -15.40
C VAL A 147 -17.99 -3.59 -16.15
N ILE A 148 -18.79 -2.56 -16.36
CA ILE A 148 -19.87 -2.59 -17.36
C ILE A 148 -19.27 -2.06 -18.67
N PRO A 149 -19.01 -2.91 -19.65
CA PRO A 149 -18.38 -2.44 -20.89
C PRO A 149 -19.18 -1.29 -21.52
N GLU A 150 -18.46 -0.35 -22.12
CA GLU A 150 -19.10 0.75 -22.83
C GLU A 150 -19.35 0.34 -24.28
N THR A 151 -20.23 -0.65 -24.41
CA THR A 151 -20.63 -1.12 -25.72
C THR A 151 -21.67 -0.18 -26.32
N ASP A 152 -21.96 -0.41 -27.60
CA ASP A 152 -22.97 0.32 -28.33
C ASP A 152 -24.26 0.38 -27.52
N GLY A 153 -24.74 1.59 -27.26
CA GLY A 153 -25.96 1.81 -26.51
C GLY A 153 -25.80 1.92 -25.02
N ALA A 154 -24.68 1.48 -24.45
CA ALA A 154 -24.49 1.41 -23.00
C ALA A 154 -23.36 2.30 -22.50
N GLU A 155 -22.94 3.28 -23.29
CA GLU A 155 -21.80 4.10 -22.92
C GLU A 155 -22.22 5.24 -21.99
N LYS A 156 -21.22 5.81 -21.31
CA LYS A 156 -21.43 6.95 -20.43
C LYS A 156 -21.51 8.23 -21.25
N GLY A 157 -22.57 9.01 -21.03
CA GLY A 157 -22.68 10.32 -21.61
C GLY A 157 -22.73 11.37 -20.51
N PRO A 158 -23.28 12.55 -20.82
CA PRO A 158 -23.35 13.62 -19.80
C PRO A 158 -24.52 13.46 -18.86
N THR A 159 -25.50 12.61 -19.19
CA THR A 159 -26.63 12.30 -18.33
C THR A 159 -26.84 10.80 -18.27
N TYR A 160 -27.77 10.38 -17.40
CA TYR A 160 -27.99 8.97 -17.11
C TYR A 160 -28.36 8.21 -18.37
N ASN A 161 -27.61 7.14 -18.63
CA ASN A 161 -27.93 6.16 -19.67
C ASN A 161 -28.63 4.98 -19.00
N LYS A 162 -29.93 4.83 -19.25
CA LYS A 162 -30.72 3.83 -18.55
C LYS A 162 -30.35 2.42 -18.97
N VAL A 163 -29.94 2.24 -20.23
CA VAL A 163 -29.43 0.95 -20.68
C VAL A 163 -28.24 0.54 -19.82
N ARG A 164 -27.30 1.46 -19.62
CA ARG A 164 -26.13 1.20 -18.81
C ARG A 164 -26.53 0.91 -17.35
N GLY A 165 -27.44 1.73 -16.79
CA GLY A 165 -27.85 1.54 -15.41
C GLY A 165 -28.50 0.19 -15.16
N ASP A 166 -29.32 -0.27 -16.11
CA ASP A 166 -29.90 -1.61 -16.04
C ASP A 166 -28.84 -2.68 -15.99
N LYS A 167 -27.80 -2.55 -16.83
CA LYS A 167 -26.64 -3.44 -16.75
C LYS A 167 -26.05 -3.42 -15.33
N VAL A 168 -25.97 -2.24 -14.71
CA VAL A 168 -25.44 -2.14 -13.36
C VAL A 168 -26.36 -2.83 -12.38
N ILE A 169 -27.66 -2.56 -12.47
CA ILE A 169 -28.62 -3.22 -11.58
C ILE A 169 -28.53 -4.73 -11.73
N ALA A 170 -28.47 -5.24 -12.96
CA ALA A 170 -28.45 -6.69 -13.14
C ALA A 170 -27.15 -7.28 -12.59
N TYR A 171 -26.03 -6.58 -12.82
CA TYR A 171 -24.76 -7.04 -12.24
C TYR A 171 -24.87 -7.18 -10.73
N ALA A 172 -25.49 -6.20 -10.08
CA ALA A 172 -25.61 -6.25 -8.62
C ALA A 172 -26.59 -7.35 -8.16
N ARG A 173 -27.65 -7.62 -8.90
CA ARG A 173 -28.54 -8.72 -8.53
C ARG A 173 -27.80 -10.06 -8.55
N LYS A 174 -27.03 -10.30 -9.60
CA LYS A 174 -26.24 -11.52 -9.65
C LYS A 174 -25.29 -11.61 -8.45
N PHE A 175 -24.65 -10.49 -8.09
CA PHE A 175 -23.77 -10.51 -6.93
C PHE A 175 -24.52 -10.90 -5.68
N LEU A 176 -25.68 -10.30 -5.45
CA LEU A 176 -26.50 -10.64 -4.29
C LEU A 176 -26.89 -12.12 -4.32
N ASP A 177 -27.19 -12.66 -5.49
CA ASP A 177 -27.55 -14.07 -5.57
C ASP A 177 -26.39 -14.96 -5.15
N ASP A 178 -25.18 -14.65 -5.64
CA ASP A 178 -24.02 -15.48 -5.36
C ASP A 178 -23.50 -15.29 -3.94
N SER A 179 -23.86 -14.20 -3.26
CA SER A 179 -23.34 -13.88 -1.94
C SER A 179 -24.32 -14.20 -0.82
N VAL A 180 -25.58 -13.81 -0.97
CA VAL A 180 -26.60 -14.01 0.05
C VAL A 180 -27.81 -14.69 -0.61
N PRO A 181 -27.74 -15.99 -0.89
CA PRO A 181 -28.77 -16.63 -1.72
C PRO A 181 -30.14 -16.68 -1.07
N LEU A 182 -31.19 -16.49 -1.88
CA LEU A 182 -32.54 -16.72 -1.41
C LEU A 182 -32.80 -18.22 -1.20
N SER A 183 -33.81 -18.53 -0.38
CA SER A 183 -34.21 -19.92 -0.21
C SER A 183 -34.61 -20.52 -1.55
N SER A 184 -35.47 -19.82 -2.29
CA SER A 184 -35.79 -20.15 -3.68
C SER A 184 -35.93 -18.85 -4.45
N GLY A 185 -35.60 -18.89 -5.73
CA GLY A 185 -35.72 -17.72 -6.55
C GLY A 185 -34.49 -16.85 -6.49
N SER A 186 -34.62 -15.67 -7.09
CA SER A 186 -33.51 -14.79 -7.36
C SER A 186 -33.86 -13.37 -6.96
N PHE A 187 -32.85 -12.62 -6.49
CA PHE A 187 -33.05 -11.19 -6.25
C PHE A 187 -33.51 -10.46 -7.50
N GLY A 188 -33.14 -10.96 -8.70
CA GLY A 188 -33.53 -10.30 -9.92
C GLY A 188 -35.02 -10.08 -10.06
N ASP A 189 -35.82 -10.90 -9.38
CA ASP A 189 -37.27 -10.88 -9.48
C ASP A 189 -37.95 -10.36 -8.21
N ALA A 190 -37.18 -9.92 -7.23
CA ALA A 190 -37.73 -9.38 -5.99
C ALA A 190 -38.58 -8.15 -6.29
N THR A 191 -39.65 -7.98 -5.52
CA THR A 191 -40.45 -6.77 -5.59
C THR A 191 -40.42 -5.94 -4.32
N GLY A 192 -40.02 -6.52 -3.19
CA GLY A 192 -39.92 -5.75 -1.97
C GLY A 192 -39.30 -6.57 -0.86
N PHE A 193 -39.11 -5.91 0.28
CA PHE A 193 -38.46 -6.48 1.45
C PHE A 193 -39.20 -6.05 2.70
N THR A 194 -39.29 -6.97 3.67
CA THR A 194 -39.87 -6.69 4.97
C THR A 194 -39.18 -7.54 6.01
N VAL A 195 -39.38 -7.18 7.28
CA VAL A 195 -38.88 -7.94 8.41
C VAL A 195 -40.06 -8.43 9.23
N GLN A 196 -40.16 -9.73 9.44
CA GLN A 196 -41.23 -10.27 10.26
C GLN A 196 -40.69 -11.36 11.18
N ASP A 197 -41.00 -11.24 12.47
CA ASP A 197 -40.46 -12.10 13.52
C ASP A 197 -38.94 -12.15 13.42
N GLY A 198 -38.35 -10.97 13.23
CA GLY A 198 -36.91 -10.80 13.12
C GLY A 198 -36.27 -11.52 11.96
N GLN A 199 -37.02 -11.79 10.89
CA GLN A 199 -36.52 -12.49 9.71
C GLN A 199 -36.72 -11.61 8.49
N LEU A 200 -35.83 -11.74 7.53
CA LEU A 200 -35.95 -10.99 6.29
C LEU A 200 -36.84 -11.75 5.32
N VAL A 201 -37.87 -11.08 4.81
CA VAL A 201 -38.80 -11.66 3.86
C VAL A 201 -38.72 -10.86 2.56
N VAL A 202 -38.36 -11.54 1.48
CA VAL A 202 -38.27 -10.93 0.14
C VAL A 202 -39.48 -11.38 -0.66
N ALA A 203 -40.19 -10.41 -1.25
CA ALA A 203 -41.39 -10.70 -2.02
C ALA A 203 -41.01 -10.99 -3.47
N LEU A 204 -41.43 -12.14 -3.97
CA LEU A 204 -41.22 -12.50 -5.36
C LEU A 204 -42.51 -12.23 -6.12
N PRO A 205 -42.54 -12.44 -7.45
CA PRO A 205 -43.81 -12.22 -8.18
C PRO A 205 -44.96 -13.06 -7.67
N ASP A 206 -44.77 -14.37 -7.52
CA ASP A 206 -45.87 -15.26 -7.17
C ASP A 206 -45.77 -15.92 -5.80
N LYS A 207 -44.72 -15.61 -5.03
CA LYS A 207 -44.67 -16.05 -3.64
C LYS A 207 -43.63 -15.20 -2.91
N SER A 208 -43.39 -15.53 -1.64
CA SER A 208 -42.36 -14.88 -0.85
C SER A 208 -41.37 -15.90 -0.32
N THR A 209 -40.18 -15.42 0.02
CA THR A 209 -39.11 -16.34 0.41
C THR A 209 -38.23 -15.66 1.46
N GLY A 210 -37.46 -16.50 2.16
CA GLY A 210 -36.45 -16.04 3.09
C GLY A 210 -35.05 -16.31 2.57
N LEU A 211 -34.07 -16.13 3.45
CA LEU A 211 -32.68 -16.38 3.09
C LEU A 211 -32.35 -17.86 3.26
N ALA A 212 -31.51 -18.39 2.36
CA ALA A 212 -31.05 -19.76 2.54
C ALA A 212 -30.30 -19.90 3.85
N ASN A 213 -29.56 -18.86 4.26
CA ASN A 213 -29.00 -18.77 5.60
C ASN A 213 -29.56 -17.53 6.28
N PRO A 214 -30.60 -17.67 7.10
CA PRO A 214 -31.18 -16.49 7.74
C PRO A 214 -30.19 -15.71 8.57
N GLY A 215 -29.09 -16.33 8.99
CA GLY A 215 -28.06 -15.63 9.74
C GLY A 215 -27.35 -14.52 8.98
N GLN A 216 -27.36 -14.57 7.64
CA GLN A 216 -26.74 -13.52 6.85
C GLN A 216 -27.53 -12.21 6.89
N PHE A 217 -28.72 -12.22 7.47
CA PHE A 217 -29.48 -11.00 7.71
C PHE A 217 -28.94 -10.35 8.97
N ALA A 218 -28.43 -9.12 8.84
CA ALA A 218 -27.73 -8.44 9.92
C ALA A 218 -28.49 -7.26 10.51
N GLY A 219 -29.40 -6.63 9.77
CA GLY A 219 -30.13 -5.50 10.31
C GLY A 219 -30.85 -4.72 9.23
N TYR A 220 -31.48 -3.64 9.66
CA TYR A 220 -32.23 -2.80 8.75
C TYR A 220 -32.31 -1.37 9.32
N THR A 221 -32.70 -0.43 8.47
CA THR A 221 -33.09 0.90 8.92
C THR A 221 -34.55 1.13 8.54
N GLY A 222 -35.22 1.95 9.32
CA GLY A 222 -36.59 2.31 9.03
C GLY A 222 -37.61 1.34 9.62
N ALA A 223 -38.85 1.52 9.15
CA ALA A 223 -39.95 0.70 9.63
C ALA A 223 -39.78 -0.72 9.15
N ALA A 224 -39.91 -1.68 10.07
CA ALA A 224 -39.72 -3.08 9.72
C ALA A 224 -40.60 -3.51 8.55
N GLU A 225 -41.80 -2.94 8.42
CA GLU A 225 -42.79 -3.37 7.44
C GLU A 225 -42.75 -2.55 6.15
N SER A 226 -41.77 -1.65 6.01
CA SER A 226 -41.29 -1.09 4.73
C SER A 226 -39.96 -0.38 4.99
N PRO A 227 -38.86 -1.12 5.02
CA PRO A 227 -37.58 -0.56 5.44
C PRO A 227 -36.99 0.42 4.42
N THR A 228 -36.11 1.29 4.92
CA THR A 228 -35.32 2.17 4.08
C THR A 228 -34.06 1.50 3.56
N SER A 229 -33.55 0.52 4.31
CA SER A 229 -32.41 -0.26 3.83
C SER A 229 -32.41 -1.61 4.54
N VAL A 230 -31.75 -2.57 3.91
CA VAL A 230 -31.57 -3.90 4.47
C VAL A 230 -30.08 -4.20 4.52
N LEU A 231 -29.59 -4.58 5.71
CA LEU A 231 -28.19 -4.85 5.94
C LEU A 231 -27.98 -6.35 6.00
N LEU A 232 -26.99 -6.84 5.26
CA LEU A 232 -26.61 -8.25 5.21
C LEU A 232 -25.11 -8.37 5.47
N ILE A 233 -24.69 -9.58 5.83
CA ILE A 233 -23.30 -9.90 6.07
C ILE A 233 -22.97 -11.20 5.36
N ASN A 234 -21.74 -11.29 4.84
CA ASN A 234 -21.26 -12.49 4.19
C ASN A 234 -19.75 -12.47 4.31
N HIS A 235 -19.17 -13.57 4.79
CA HIS A 235 -17.73 -13.67 4.99
C HIS A 235 -17.19 -12.51 5.84
N GLY A 236 -17.98 -12.09 6.84
CA GLY A 236 -17.55 -11.04 7.73
C GLY A 236 -17.66 -9.62 7.19
N LEU A 237 -18.20 -9.44 5.98
CA LEU A 237 -18.27 -8.15 5.30
C LEU A 237 -19.73 -7.79 5.07
N HIS A 238 -20.06 -6.50 5.24
CA HIS A 238 -21.45 -6.05 5.24
C HIS A 238 -21.85 -5.58 3.84
N ILE A 239 -23.10 -5.85 3.49
CA ILE A 239 -23.75 -5.39 2.28
C ILE A 239 -25.02 -4.68 2.68
N GLU A 240 -25.25 -3.48 2.15
CA GLU A 240 -26.44 -2.72 2.48
C GLU A 240 -27.24 -2.42 1.23
N ILE A 241 -28.49 -2.85 1.22
CA ILE A 241 -29.39 -2.64 0.11
C ILE A 241 -30.20 -1.40 0.47
N LEU A 242 -30.03 -0.31 -0.30
CA LEU A 242 -30.78 0.91 -0.06
C LEU A 242 -32.08 0.92 -0.86
N ILE A 243 -33.19 1.18 -0.18
CA ILE A 243 -34.51 1.15 -0.78
C ILE A 243 -35.08 2.56 -0.78
N ASP A 244 -35.40 3.07 -1.99
CA ASP A 244 -36.05 4.36 -2.16
C ASP A 244 -36.65 4.45 -3.56
N PRO A 245 -37.94 4.16 -3.69
CA PRO A 245 -38.57 4.16 -5.02
C PRO A 245 -38.79 5.53 -5.62
N GLU A 246 -38.69 6.62 -4.84
CA GLU A 246 -38.84 7.95 -5.42
C GLU A 246 -37.50 8.54 -5.86
N SER A 247 -36.41 7.85 -5.60
CA SER A 247 -35.10 8.24 -6.12
C SER A 247 -34.99 7.92 -7.61
N GLN A 248 -34.00 8.53 -8.24
CA GLN A 248 -33.82 8.40 -9.68
C GLN A 248 -33.66 6.94 -10.11
N VAL A 249 -32.79 6.20 -9.43
CA VAL A 249 -32.57 4.80 -9.82
C VAL A 249 -33.70 3.92 -9.30
N GLY A 250 -34.20 4.22 -8.10
CA GLY A 250 -35.25 3.41 -7.52
C GLY A 250 -36.55 3.41 -8.31
N THR A 251 -36.89 4.55 -8.91
CA THR A 251 -38.11 4.63 -9.70
C THR A 251 -38.15 3.54 -10.76
N THR A 252 -37.00 3.22 -11.35
CA THR A 252 -36.94 2.23 -12.42
C THR A 252 -36.79 0.79 -11.90
N ASP A 253 -36.58 0.59 -10.61
CA ASP A 253 -36.20 -0.73 -10.12
C ASP A 253 -37.42 -1.51 -9.67
N ARG A 254 -37.41 -2.81 -9.94
CA ARG A 254 -38.55 -3.66 -9.64
C ARG A 254 -38.88 -3.70 -8.16
N ALA A 255 -37.92 -3.38 -7.29
CA ALA A 255 -38.16 -3.38 -5.84
C ALA A 255 -37.89 -2.03 -5.21
N GLY A 256 -37.72 -0.97 -6.02
CA GLY A 256 -37.43 0.34 -5.48
C GLY A 256 -36.01 0.50 -4.97
N VAL A 257 -35.09 -0.38 -5.39
CA VAL A 257 -33.73 -0.37 -4.86
C VAL A 257 -32.94 0.76 -5.49
N LYS A 258 -32.30 1.56 -4.64
CA LYS A 258 -31.57 2.76 -5.04
C LYS A 258 -30.09 2.47 -5.27
N ASP A 259 -29.49 1.62 -4.46
CA ASP A 259 -28.05 1.39 -4.52
C ASP A 259 -27.73 0.15 -3.71
N VAL A 260 -26.53 -0.35 -3.90
CA VAL A 260 -25.97 -1.41 -3.08
C VAL A 260 -24.64 -0.92 -2.54
N ILE A 261 -24.54 -0.84 -1.22
CA ILE A 261 -23.37 -0.31 -0.53
C ILE A 261 -22.57 -1.49 -0.02
N LEU A 262 -21.26 -1.53 -0.33
CA LEU A 262 -20.39 -2.57 0.20
C LEU A 262 -19.48 -1.99 1.27
N GLU A 263 -19.30 -2.72 2.36
CA GLU A 263 -18.13 -2.53 3.22
C GLU A 263 -16.90 -2.82 2.39
N SER A 264 -16.06 -1.80 2.14
CA SER A 264 -15.06 -1.83 1.09
C SER A 264 -13.68 -1.81 1.71
N ALA A 265 -13.08 -0.64 1.97
CA ALA A 265 -11.74 -0.55 2.54
C ALA A 265 -11.83 -0.74 4.05
N ILE A 266 -11.54 -1.96 4.50
CA ILE A 266 -11.60 -2.27 5.93
C ILE A 266 -10.53 -1.47 6.67
N THR A 267 -9.32 -1.42 6.11
CA THR A 267 -8.21 -0.69 6.70
C THR A 267 -7.62 0.20 5.62
N THR A 268 -6.94 1.26 6.04
CA THR A 268 -6.29 2.20 5.14
C THR A 268 -4.92 2.51 5.69
N ILE A 269 -3.94 2.62 4.78
CA ILE A 269 -2.56 2.94 5.12
C ILE A 269 -2.31 4.39 4.70
N MET A 270 -2.18 5.28 5.68
CA MET A 270 -1.78 6.66 5.45
C MET A 270 -0.28 6.68 5.25
N ASP A 271 0.16 7.06 4.05
CA ASP A 271 1.51 6.80 3.58
C ASP A 271 2.40 8.04 3.75
N PHE A 272 3.52 7.88 4.46
CA PHE A 272 4.59 8.87 4.52
C PHE A 272 5.76 8.51 3.61
N GLU A 273 5.72 7.34 2.97
CA GLU A 273 6.83 6.80 2.17
C GLU A 273 6.58 6.93 0.66
N ASP A 274 6.47 5.82 -0.06
CA ASP A 274 6.72 5.86 -1.49
C ASP A 274 5.66 6.59 -2.32
N SER A 275 4.49 6.91 -1.75
CA SER A 275 3.52 7.66 -2.54
C SER A 275 3.59 9.17 -2.30
N VAL A 276 4.50 9.66 -1.48
CA VAL A 276 4.59 11.09 -1.16
C VAL A 276 6.01 11.58 -1.40
N ALA A 277 6.13 12.90 -1.53
CA ALA A 277 7.42 13.58 -1.70
C ALA A 277 7.57 14.54 -0.53
N ALA A 278 8.55 14.28 0.34
CA ALA A 278 8.70 15.09 1.54
C ALA A 278 10.19 15.19 1.86
N VAL A 279 10.80 16.33 1.51
CA VAL A 279 12.24 16.43 1.47
C VAL A 279 12.79 17.41 2.50
N ASP A 280 11.93 17.92 3.38
CA ASP A 280 12.37 18.87 4.39
C ASP A 280 11.30 18.97 5.47
N ALA A 281 11.53 19.87 6.43
CA ALA A 281 10.62 19.99 7.56
C ALA A 281 9.26 20.47 7.14
N ALA A 282 9.19 21.37 6.15
CA ALA A 282 7.89 21.89 5.77
C ALA A 282 7.04 20.79 5.15
N ASP A 283 7.64 19.95 4.32
CA ASP A 283 6.91 18.81 3.76
C ASP A 283 6.44 17.84 4.86
N LYS A 284 7.33 17.47 5.80
CA LYS A 284 6.93 16.52 6.84
C LYS A 284 5.84 17.09 7.72
N VAL A 285 5.88 18.41 8.01
CA VAL A 285 4.87 19.04 8.85
C VAL A 285 3.48 18.97 8.18
N LEU A 286 3.41 19.19 6.86
CA LEU A 286 2.14 19.03 6.16
C LEU A 286 1.61 17.61 6.32
N GLY A 287 2.48 16.61 6.16
CA GLY A 287 2.08 15.24 6.35
C GLY A 287 1.64 14.99 7.77
N TYR A 288 2.52 15.30 8.74
CA TYR A 288 2.18 15.12 10.16
C TYR A 288 0.88 15.83 10.51
N ARG A 289 0.66 17.02 9.96
CA ARG A 289 -0.54 17.76 10.35
C ARG A 289 -1.80 17.04 9.87
N ASN A 290 -1.78 16.50 8.65
CA ASN A 290 -2.90 15.70 8.14
C ASN A 290 -3.11 14.44 8.99
N TRP A 291 -2.03 13.69 9.23
CA TRP A 291 -2.10 12.53 10.12
C TRP A 291 -2.66 12.93 11.49
N LEU A 292 -2.39 14.16 11.95
CA LEU A 292 -2.93 14.61 13.23
C LEU A 292 -4.43 14.81 13.18
N GLY A 293 -4.92 15.52 12.16
CA GLY A 293 -6.35 15.75 12.03
C GLY A 293 -7.13 14.47 11.77
N LEU A 294 -6.51 13.48 11.12
CA LEU A 294 -7.15 12.17 10.95
C LEU A 294 -7.36 11.50 12.29
N ASN A 295 -6.37 11.58 13.19
CA ASN A 295 -6.51 10.90 14.46
C ASN A 295 -7.38 11.68 15.44
N LYS A 296 -7.41 13.00 15.32
CA LYS A 296 -8.32 13.77 16.16
C LYS A 296 -9.73 13.82 15.59
N GLY A 297 -9.94 13.37 14.36
CA GLY A 297 -11.26 13.34 13.76
C GLY A 297 -11.74 14.63 13.16
N ASP A 298 -10.91 15.69 13.15
CA ASP A 298 -11.34 17.02 12.74
C ASP A 298 -10.67 17.49 11.44
N LEU A 299 -9.95 16.62 10.74
CA LEU A 299 -9.43 17.00 9.44
C LEU A 299 -10.57 17.36 8.51
N ALA A 300 -10.42 18.48 7.79
CA ALA A 300 -11.42 18.94 6.86
C ALA A 300 -10.73 19.63 5.70
N ALA A 301 -11.23 19.38 4.49
CA ALA A 301 -10.71 20.02 3.28
C ALA A 301 -11.84 20.54 2.40
N ARG A 312 -15.49 19.17 3.38
CA ARG A 312 -15.38 17.72 3.30
C ARG A 312 -14.74 17.26 4.60
N VAL A 313 -15.41 16.36 5.30
CA VAL A 313 -15.06 15.93 6.66
C VAL A 313 -15.09 14.40 6.74
N LEU A 314 -14.77 13.88 7.93
CA LEU A 314 -14.83 12.46 8.23
C LEU A 314 -16.25 12.03 8.58
N ASN A 315 -16.57 10.77 8.25
CA ASN A 315 -17.91 10.25 8.44
C ASN A 315 -18.14 9.80 9.88
N ARG A 316 -19.38 9.91 10.32
CA ARG A 316 -19.79 9.33 11.59
C ARG A 316 -20.06 7.84 11.42
N ASP A 317 -20.26 7.15 12.55
CA ASP A 317 -20.59 5.74 12.51
C ASP A 317 -22.00 5.53 11.98
N ARG A 318 -22.28 4.33 11.49
CA ARG A 318 -23.53 4.02 10.84
C ARG A 318 -24.49 3.37 11.83
N ASN A 319 -25.72 3.86 11.89
CA ASN A 319 -26.71 3.36 12.84
C ASN A 319 -27.70 2.40 12.18
N TYR A 320 -28.00 1.31 12.91
CA TYR A 320 -28.89 0.26 12.41
C TYR A 320 -29.83 -0.24 13.49
N THR A 321 -30.87 -0.92 13.03
CA THR A 321 -31.76 -1.73 13.85
C THR A 321 -31.39 -3.20 13.67
N ALA A 322 -31.17 -3.92 14.78
CA ALA A 322 -30.90 -5.34 14.74
C ALA A 322 -32.12 -6.12 14.24
N PRO A 323 -31.94 -7.39 13.83
CA PRO A 323 -33.11 -8.16 13.39
C PRO A 323 -34.18 -8.28 14.48
N GLY A 324 -33.77 -8.64 15.70
CA GLY A 324 -34.72 -8.72 16.80
C GLY A 324 -35.41 -7.42 17.13
N GLY A 325 -34.72 -6.29 16.96
CA GLY A 325 -35.33 -5.00 17.20
C GLY A 325 -34.49 -3.97 17.94
N GLY A 326 -33.37 -4.39 18.54
CA GLY A 326 -32.48 -3.48 19.23
C GLY A 326 -31.75 -2.53 18.29
N GLN A 327 -30.93 -1.67 18.89
CA GLN A 327 -30.10 -0.73 18.15
C GLN A 327 -28.65 -1.17 18.21
N PHE A 328 -27.92 -0.95 17.12
CA PHE A 328 -26.48 -1.13 17.17
C PHE A 328 -25.83 -0.19 16.16
N THR A 329 -24.51 -0.19 16.16
CA THR A 329 -23.73 0.76 15.39
C THR A 329 -22.58 0.01 14.71
N LEU A 330 -22.19 0.49 13.52
CA LEU A 330 -21.05 -0.03 12.77
C LEU A 330 -20.09 1.11 12.46
N PRO A 331 -18.78 0.83 12.38
CA PRO A 331 -17.81 1.91 12.11
C PRO A 331 -18.04 2.51 10.73
N GLY A 332 -17.93 3.83 10.66
CA GLY A 332 -18.08 4.53 9.40
C GLY A 332 -16.77 4.87 8.74
N ARG A 333 -15.66 4.55 9.38
CA ARG A 333 -14.34 4.93 8.91
C ARG A 333 -13.48 3.69 8.81
N SER A 334 -12.52 3.75 7.89
CA SER A 334 -11.54 2.69 7.77
C SER A 334 -10.56 2.76 8.93
N LEU A 335 -10.19 1.61 9.48
CA LEU A 335 -9.14 1.53 10.49
C LEU A 335 -7.80 1.90 9.87
N MET A 336 -7.10 2.85 10.50
CA MET A 336 -5.97 3.52 9.87
C MET A 336 -4.62 2.96 10.29
N PHE A 337 -3.77 2.65 9.31
CA PHE A 337 -2.36 2.42 9.52
C PHE A 337 -1.59 3.68 9.12
N VAL A 338 -0.34 3.78 9.57
CA VAL A 338 0.58 4.77 9.03
C VAL A 338 1.84 4.06 8.54
N ARG A 339 2.30 4.41 7.34
CA ARG A 339 3.54 3.85 6.84
C ARG A 339 4.65 4.85 7.01
N ASN A 340 5.54 4.57 7.96
CA ASN A 340 6.77 5.34 8.14
C ASN A 340 7.71 5.07 6.97
N VAL A 341 8.68 5.96 6.76
CA VAL A 341 9.81 5.58 5.92
C VAL A 341 10.65 4.54 6.65
N GLY A 342 11.52 3.87 5.89
CA GLY A 342 12.39 2.84 6.43
C GLY A 342 13.75 3.38 6.83
N HIS A 343 14.70 2.46 6.99
CA HIS A 343 15.95 2.76 7.68
C HIS A 343 16.94 3.60 6.89
N LEU A 344 16.71 3.86 5.60
CA LEU A 344 17.78 4.42 4.78
C LEU A 344 17.99 5.92 4.99
N MET A 345 16.96 6.73 4.72
CA MET A 345 17.20 8.13 4.44
C MET A 345 17.33 8.97 5.72
N THR A 346 18.01 10.09 5.58
CA THR A 346 18.00 11.15 6.59
C THR A 346 17.22 12.34 6.05
N ASN A 347 17.03 13.34 6.90
CA ASN A 347 16.19 14.49 6.57
C ASN A 347 16.63 15.65 7.46
N ASP A 348 16.88 16.80 6.86
CA ASP A 348 17.44 17.93 7.60
C ASP A 348 16.38 18.66 8.44
N ALA A 349 15.18 18.10 8.55
CA ALA A 349 14.23 18.59 9.54
C ALA A 349 14.87 18.64 10.91
N ILE A 350 15.80 17.73 11.19
CA ILE A 350 16.65 17.83 12.37
C ILE A 350 18.09 17.54 11.96
N VAL A 351 19.02 18.35 12.49
CA VAL A 351 20.44 18.15 12.29
C VAL A 351 21.15 18.15 13.63
N ASP A 352 22.33 17.53 13.68
CA ASP A 352 23.13 17.61 14.89
C ASP A 352 24.09 18.79 14.78
N THR A 353 25.00 18.89 15.74
CA THR A 353 25.87 20.05 15.85
C THR A 353 26.94 20.06 14.77
N ASP A 354 27.39 18.88 14.32
CA ASP A 354 28.25 18.83 13.16
C ASP A 354 27.52 19.20 11.87
N GLY A 355 26.20 19.36 11.93
CA GLY A 355 25.40 19.60 10.73
C GLY A 355 24.92 18.36 10.03
N SER A 356 25.05 17.17 10.65
CA SER A 356 24.59 15.94 10.03
C SER A 356 23.09 15.71 10.22
N GLU A 357 22.42 15.29 9.16
CA GLU A 357 20.99 15.03 9.20
C GLU A 357 20.68 13.80 10.06
N VAL A 358 19.51 13.83 10.70
CA VAL A 358 19.05 12.75 11.55
C VAL A 358 18.29 11.72 10.69
N PHE A 359 18.33 10.47 11.09
CA PHE A 359 17.63 9.42 10.35
C PHE A 359 16.12 9.66 10.36
N GLU A 360 15.52 9.68 9.16
CA GLU A 360 14.10 9.99 9.03
C GLU A 360 13.20 8.94 9.66
N GLY A 361 13.60 7.66 9.60
CA GLY A 361 12.77 6.62 10.19
C GLY A 361 12.66 6.73 11.70
N ILE A 362 13.77 7.07 12.36
CA ILE A 362 13.73 7.33 13.80
C ILE A 362 12.77 8.48 14.09
N MET A 363 12.86 9.57 13.32
CA MET A 363 11.93 10.68 13.49
C MET A 363 10.48 10.25 13.28
N ASP A 364 10.23 9.49 12.21
CA ASP A 364 8.85 9.13 11.91
C ASP A 364 8.24 8.34 13.06
N ALA A 365 8.99 7.43 13.66
CA ALA A 365 8.45 6.64 14.76
C ALA A 365 8.09 7.52 15.94
N LEU A 366 8.96 8.46 16.27
CA LEU A 366 8.71 9.36 17.39
C LEU A 366 7.47 10.22 17.14
N PHE A 367 7.37 10.81 15.95
CA PHE A 367 6.31 11.78 15.69
C PHE A 367 5.00 11.15 15.22
N THR A 368 5.03 10.16 14.33
CA THR A 368 3.74 9.57 13.98
C THR A 368 3.19 8.77 15.14
N GLY A 369 4.07 8.21 15.97
CA GLY A 369 3.60 7.52 17.18
C GLY A 369 2.99 8.48 18.19
N LEU A 370 3.64 9.60 18.44
CA LEU A 370 3.04 10.63 19.28
C LEU A 370 1.68 11.05 18.73
N ILE A 371 1.62 11.42 17.45
CA ILE A 371 0.35 11.84 16.88
C ILE A 371 -0.71 10.76 17.05
N ALA A 372 -0.33 9.48 16.88
CA ALA A 372 -1.29 8.38 16.94
C ALA A 372 -2.01 8.26 18.29
N ILE A 373 -1.43 8.80 19.37
CA ILE A 373 -2.10 8.75 20.67
C ILE A 373 -3.50 9.39 20.61
N HIS A 374 -3.65 10.44 19.81
CA HIS A 374 -4.95 11.07 19.68
C HIS A 374 -6.01 10.13 19.14
N GLY A 375 -5.61 9.15 18.31
CA GLY A 375 -6.57 8.21 17.81
C GLY A 375 -6.97 7.14 18.79
N LEU A 376 -6.33 7.10 19.96
CA LEU A 376 -6.72 6.20 21.04
C LEU A 376 -7.68 6.85 22.03
N LYS A 377 -8.07 8.09 21.78
CA LYS A 377 -8.94 8.80 22.69
C LYS A 377 -10.04 9.52 21.90
N ALA A 378 -10.99 10.06 22.66
CA ALA A 378 -12.23 10.57 22.12
C ALA A 378 -11.98 11.80 21.26
N SER A 379 -12.61 11.83 20.09
CA SER A 379 -12.49 12.97 19.19
C SER A 379 -13.66 13.91 19.44
N ASP A 380 -13.34 15.18 19.72
CA ASP A 380 -14.34 16.22 19.99
C ASP A 380 -15.42 16.32 18.91
N LEU A 385 -15.49 7.81 16.56
CA LEU A 385 -14.95 8.65 17.62
C LEU A 385 -13.65 8.05 18.17
N ILE A 386 -13.06 7.14 17.40
CA ILE A 386 -11.80 6.52 17.78
C ILE A 386 -11.21 5.73 16.62
N ASN A 387 -9.90 5.47 16.67
CA ASN A 387 -9.26 4.63 15.67
C ASN A 387 -9.16 3.19 16.17
N SER A 388 -8.23 2.89 17.07
CA SER A 388 -8.08 1.54 17.60
C SER A 388 -8.79 1.46 18.95
N ARG A 389 -9.93 0.78 18.99
CA ARG A 389 -10.62 0.57 20.25
C ARG A 389 -9.83 -0.33 21.19
N THR A 390 -8.88 -1.10 20.69
CA THR A 390 -8.17 -2.07 21.52
C THR A 390 -6.82 -1.56 22.01
N GLY A 391 -6.48 -0.31 21.72
CA GLY A 391 -5.33 0.33 22.31
C GLY A 391 -4.01 0.16 21.57
N SER A 392 -4.04 -0.07 20.26
CA SER A 392 -2.84 -0.32 19.47
C SER A 392 -2.58 0.84 18.51
N ILE A 393 -1.31 1.01 18.15
CA ILE A 393 -0.89 1.93 17.09
C ILE A 393 -0.26 1.10 15.98
N TYR A 394 -0.74 1.28 14.75
CA TYR A 394 -0.43 0.39 13.62
C TYR A 394 0.50 1.08 12.62
N ILE A 395 1.78 0.73 12.66
CA ILE A 395 2.80 1.32 11.81
C ILE A 395 3.27 0.28 10.79
N VAL A 396 3.10 0.58 9.51
CA VAL A 396 3.76 -0.21 8.47
C VAL A 396 5.21 0.24 8.39
N LYS A 397 6.13 -0.72 8.34
CA LYS A 397 7.56 -0.44 8.23
C LYS A 397 8.11 -1.01 6.93
N PRO A 398 8.48 -0.18 5.97
CA PRO A 398 8.90 -0.68 4.66
C PRO A 398 10.41 -0.91 4.55
N LYS A 399 10.79 -1.65 3.52
CA LYS A 399 12.16 -1.67 2.99
C LYS A 399 13.19 -2.14 4.02
N MET A 400 12.85 -3.18 4.79
CA MET A 400 13.79 -3.78 5.73
C MET A 400 14.47 -4.99 5.09
N HIS A 401 15.72 -5.25 5.49
CA HIS A 401 16.57 -6.32 4.95
C HIS A 401 17.00 -7.27 6.07
N GLY A 402 16.19 -8.27 6.38
CA GLY A 402 16.60 -9.31 7.31
C GLY A 402 16.14 -9.10 8.76
N PRO A 403 16.31 -10.13 9.59
CA PRO A 403 15.75 -10.05 10.95
C PRO A 403 16.46 -9.07 11.87
N ALA A 404 17.77 -8.83 11.72
CA ALA A 404 18.42 -7.82 12.53
C ALA A 404 17.80 -6.46 12.28
N GLU A 405 17.49 -6.16 11.02
CA GLU A 405 16.81 -4.90 10.74
C GLU A 405 15.43 -4.86 11.37
N VAL A 406 14.75 -6.02 11.42
CA VAL A 406 13.47 -6.06 12.10
C VAL A 406 13.64 -5.89 13.61
N ALA A 407 14.64 -6.57 14.19
CA ALA A 407 14.87 -6.41 15.62
C ALA A 407 15.12 -4.95 15.96
N PHE A 408 15.89 -4.25 15.11
CA PHE A 408 16.19 -2.85 15.40
C PHE A 408 14.92 -2.01 15.40
N THR A 409 14.03 -2.23 14.42
CA THR A 409 12.74 -1.54 14.41
C THR A 409 11.98 -1.80 15.70
N CYS A 410 11.98 -3.04 16.18
CA CYS A 410 11.31 -3.38 17.42
C CYS A 410 11.91 -2.62 18.59
N GLU A 411 13.23 -2.55 18.66
CA GLU A 411 13.88 -1.81 19.73
C GLU A 411 13.53 -0.33 19.68
N LEU A 412 13.56 0.26 18.49
CA LEU A 412 13.16 1.65 18.30
C LEU A 412 11.77 1.91 18.86
N PHE A 413 10.80 1.05 18.52
CA PHE A 413 9.44 1.21 19.00
C PHE A 413 9.39 1.13 20.53
N SER A 414 10.19 0.24 21.11
CA SER A 414 10.26 0.11 22.56
C SER A 414 10.73 1.42 23.19
N ARG A 415 11.81 1.98 22.65
CA ARG A 415 12.33 3.26 23.14
C ARG A 415 11.34 4.41 22.91
N VAL A 416 10.60 4.40 21.80
CA VAL A 416 9.62 5.45 21.56
C VAL A 416 8.44 5.30 22.53
N GLU A 417 7.97 4.06 22.70
CA GLU A 417 6.91 3.82 23.68
C GLU A 417 7.30 4.36 25.05
N ASP A 418 8.54 4.10 25.47
CA ASP A 418 9.00 4.59 26.76
C ASP A 418 8.97 6.11 26.82
N VAL A 419 9.42 6.79 25.77
CA VAL A 419 9.43 8.25 25.74
C VAL A 419 8.00 8.81 25.72
N LEU A 420 7.06 8.10 25.12
CA LEU A 420 5.68 8.54 25.01
C LEU A 420 4.82 8.15 26.21
N GLY A 421 5.37 7.42 27.17
CA GLY A 421 4.55 6.97 28.28
C GLY A 421 3.58 5.85 27.96
N LEU A 422 3.76 5.18 26.82
CA LEU A 422 2.88 4.14 26.33
C LEU A 422 3.27 2.78 26.87
N PRO A 423 2.28 1.91 27.10
CA PRO A 423 2.61 0.53 27.45
C PRO A 423 3.50 -0.08 26.38
N GLN A 424 4.39 -0.98 26.81
CA GLN A 424 5.21 -1.70 25.85
C GLN A 424 4.33 -2.49 24.89
N ASN A 425 4.77 -2.57 23.63
CA ASN A 425 4.08 -3.26 22.53
C ASN A 425 2.77 -2.59 22.13
N THR A 426 2.58 -1.31 22.47
CA THR A 426 1.48 -0.54 21.90
C THR A 426 1.66 -0.36 20.40
N MET A 427 2.91 -0.14 19.98
CA MET A 427 3.26 0.18 18.60
C MET A 427 3.48 -1.12 17.86
N LYS A 428 2.49 -1.51 17.07
CA LYS A 428 2.50 -2.72 16.28
C LYS A 428 3.11 -2.44 14.92
N ILE A 429 3.59 -3.48 14.26
CA ILE A 429 4.35 -3.32 13.02
C ILE A 429 3.73 -4.18 11.91
N GLY A 430 3.48 -3.55 10.78
CA GLY A 430 3.16 -4.27 9.56
C GLY A 430 4.43 -4.45 8.74
N ILE A 431 4.89 -5.70 8.61
CA ILE A 431 6.17 -5.97 7.96
C ILE A 431 5.94 -6.02 6.44
N MET A 432 6.52 -5.07 5.72
CA MET A 432 6.62 -5.24 4.27
C MET A 432 7.67 -6.30 3.98
N ASP A 433 7.29 -7.31 3.17
CA ASP A 433 8.23 -8.30 2.61
C ASP A 433 8.50 -7.84 1.18
N GLU A 434 9.53 -7.00 1.02
CA GLU A 434 9.79 -6.38 -0.27
C GLU A 434 11.29 -6.22 -0.55
N GLU A 435 12.14 -6.96 0.16
CA GLU A 435 13.57 -7.02 -0.07
C GLU A 435 14.01 -8.46 0.05
N ARG A 436 14.98 -8.85 -0.77
CA ARG A 436 15.36 -10.24 -0.92
C ARG A 436 15.86 -10.85 0.39
N ARG A 437 16.70 -10.10 1.12
CA ARG A 437 17.26 -10.66 2.36
C ARG A 437 16.18 -10.85 3.43
N THR A 438 15.04 -10.17 3.32
CA THR A 438 13.91 -10.49 4.19
C THR A 438 13.17 -11.74 3.69
N THR A 439 12.91 -11.83 2.38
CA THR A 439 12.22 -12.98 1.80
C THR A 439 12.90 -14.30 2.19
N VAL A 440 14.23 -14.38 2.05
CA VAL A 440 14.89 -15.65 2.31
C VAL A 440 15.14 -15.91 3.78
N ASN A 441 14.84 -14.93 4.65
CA ASN A 441 14.89 -15.15 6.10
C ASN A 441 13.56 -14.79 6.74
N LEU A 442 12.46 -15.03 6.02
CA LEU A 442 11.19 -14.43 6.41
C LEU A 442 10.74 -14.92 7.78
N LYS A 443 10.90 -16.22 8.04
CA LYS A 443 10.49 -16.77 9.33
C LYS A 443 11.24 -16.10 10.48
N ALA A 444 12.54 -15.88 10.31
CA ALA A 444 13.32 -15.18 11.33
C ALA A 444 12.85 -13.74 11.49
N CYS A 445 12.41 -13.11 10.41
CA CYS A 445 11.93 -11.73 10.55
C CYS A 445 10.64 -11.66 11.36
N ILE A 446 9.69 -12.55 11.08
CA ILE A 446 8.44 -12.61 11.84
C ILE A 446 8.73 -12.91 13.31
N LYS A 447 9.69 -13.81 13.55
CA LYS A 447 10.05 -14.14 14.92
C LYS A 447 10.62 -12.93 15.65
N ALA A 448 11.45 -12.13 14.95
CA ALA A 448 12.00 -10.95 15.59
C ALA A 448 10.93 -9.96 16.03
N ALA A 449 9.73 -10.07 15.48
CA ALA A 449 8.64 -9.16 15.81
C ALA A 449 7.44 -9.93 16.36
N ALA A 450 7.69 -11.09 16.98
CA ALA A 450 6.62 -12.05 17.25
C ALA A 450 5.53 -11.46 18.16
N ASP A 451 5.88 -10.50 19.01
CA ASP A 451 4.89 -9.91 19.88
C ASP A 451 4.36 -8.57 19.35
N ARG A 452 4.82 -8.13 18.18
CA ARG A 452 4.38 -6.86 17.64
C ARG A 452 3.72 -6.95 16.27
N VAL A 453 3.83 -8.06 15.57
CA VAL A 453 3.53 -8.06 14.15
C VAL A 453 2.02 -8.17 13.94
N VAL A 454 1.49 -7.29 13.10
CA VAL A 454 0.08 -7.31 12.73
C VAL A 454 -0.15 -7.68 11.26
N PHE A 455 0.88 -7.60 10.41
CA PHE A 455 0.77 -8.24 9.10
C PHE A 455 2.14 -8.47 8.49
N ILE A 456 2.14 -9.29 7.43
CA ILE A 456 3.21 -9.34 6.45
C ILE A 456 2.56 -9.06 5.11
N ASN A 457 3.31 -8.40 4.22
CA ASN A 457 2.72 -8.04 2.94
C ASN A 457 3.79 -8.12 1.86
N THR A 458 3.44 -8.73 0.73
CA THR A 458 4.39 -8.87 -0.37
C THR A 458 4.39 -7.60 -1.19
N GLY A 459 5.32 -6.69 -0.90
CA GLY A 459 5.48 -5.49 -1.70
C GLY A 459 6.26 -5.78 -2.99
N PHE A 460 5.59 -6.46 -3.94
CA PHE A 460 6.23 -7.06 -5.10
C PHE A 460 6.95 -6.05 -5.99
N LEU A 461 6.60 -4.76 -5.93
CA LEU A 461 7.29 -3.79 -6.79
C LEU A 461 8.68 -3.48 -6.25
N ASP A 462 8.77 -3.09 -4.98
CA ASP A 462 10.10 -2.92 -4.38
C ASP A 462 10.90 -4.20 -4.49
N ARG A 463 10.23 -5.34 -4.26
CA ARG A 463 10.89 -6.64 -4.28
C ARG A 463 11.49 -6.89 -5.66
N THR A 464 10.83 -6.41 -6.70
CA THR A 464 11.39 -6.58 -8.04
C THR A 464 12.62 -5.69 -8.23
N GLY A 465 12.58 -4.47 -7.68
CA GLY A 465 13.75 -3.61 -7.71
C GLY A 465 14.95 -4.22 -6.99
N ASP A 466 14.72 -4.76 -5.79
CA ASP A 466 15.80 -5.40 -5.07
C ASP A 466 16.33 -6.63 -5.82
N GLU A 467 15.44 -7.37 -6.52
CA GLU A 467 15.90 -8.51 -7.30
C GLU A 467 16.88 -8.06 -8.37
N ILE A 468 16.50 -7.02 -9.13
CA ILE A 468 17.38 -6.52 -10.18
C ILE A 468 18.70 -6.04 -9.59
N HIS A 469 18.65 -5.24 -8.52
CA HIS A 469 19.89 -4.64 -8.03
C HIS A 469 20.83 -5.68 -7.44
N THR A 470 20.29 -6.63 -6.68
CA THR A 470 21.13 -7.62 -6.02
C THR A 470 21.94 -8.42 -7.01
N SER A 471 21.35 -8.77 -8.16
CA SER A 471 22.01 -9.61 -9.16
C SER A 471 22.48 -8.81 -10.37
N MET A 472 22.55 -7.48 -10.22
CA MET A 472 23.06 -6.56 -11.24
C MET A 472 24.21 -7.12 -12.06
N GLU A 473 25.24 -7.62 -11.39
CA GLU A 473 26.45 -8.11 -12.02
C GLU A 473 26.29 -9.49 -12.69
N ALA A 474 25.20 -10.24 -12.40
CA ALA A 474 25.10 -11.62 -12.91
C ALA A 474 24.86 -11.65 -14.41
N GLY A 475 24.09 -10.70 -14.95
CA GLY A 475 23.76 -10.70 -16.35
C GLY A 475 22.61 -9.76 -16.65
N PRO A 476 22.15 -9.72 -17.90
CA PRO A 476 20.93 -8.96 -18.21
C PRO A 476 19.68 -9.67 -17.72
N MET A 477 18.75 -8.88 -17.17
CA MET A 477 17.47 -9.34 -16.65
C MET A 477 16.41 -9.35 -17.74
N VAL A 478 15.35 -10.14 -17.51
CA VAL A 478 14.20 -10.09 -18.42
C VAL A 478 13.57 -8.71 -18.39
N ARG A 479 12.72 -8.46 -19.39
CA ARG A 479 11.95 -7.23 -19.47
C ARG A 479 11.12 -7.02 -18.21
N LYS A 480 10.70 -5.77 -18.02
CA LYS A 480 9.88 -5.39 -16.86
C LYS A 480 8.58 -6.17 -16.81
N GLY A 481 7.85 -6.20 -17.94
CA GLY A 481 6.58 -6.90 -17.96
C GLY A 481 6.72 -8.39 -17.71
N THR A 482 7.84 -8.98 -18.12
CA THR A 482 8.12 -10.39 -17.85
C THR A 482 8.28 -10.66 -16.35
N MET A 483 8.69 -9.65 -15.58
CA MET A 483 9.07 -9.90 -14.18
C MET A 483 7.91 -10.47 -13.37
N LYS A 484 6.68 -10.03 -13.66
CA LYS A 484 5.56 -10.41 -12.82
C LYS A 484 5.26 -11.90 -12.87
N SER A 485 5.82 -12.65 -13.83
CA SER A 485 5.57 -14.09 -13.90
C SER A 485 6.85 -14.92 -13.80
N GLN A 486 7.95 -14.34 -13.34
CA GLN A 486 9.17 -15.12 -13.23
C GLN A 486 9.06 -16.10 -12.07
N PRO A 487 9.83 -17.19 -12.11
CA PRO A 487 9.80 -18.16 -11.01
C PRO A 487 10.10 -17.57 -9.64
N TRP A 488 11.09 -16.68 -9.52
CA TRP A 488 11.44 -16.15 -8.21
C TRP A 488 10.23 -15.47 -7.55
N ILE A 489 9.38 -14.78 -8.34
CA ILE A 489 8.31 -13.98 -7.75
C ILE A 489 7.12 -14.83 -7.35
N LEU A 490 6.86 -15.92 -8.07
CA LEU A 490 5.75 -16.78 -7.67
C LEU A 490 6.12 -17.58 -6.41
N ALA A 491 7.37 -18.02 -6.29
CA ALA A 491 7.79 -18.66 -5.05
C ALA A 491 7.74 -17.66 -3.89
N TYR A 492 8.25 -16.45 -4.13
CA TYR A 492 8.20 -15.37 -3.14
C TYR A 492 6.78 -15.16 -2.61
N GLU A 493 5.79 -15.11 -3.53
CA GLU A 493 4.39 -14.92 -3.12
C GLU A 493 3.89 -16.07 -2.26
N ASP A 494 4.15 -17.32 -2.67
CA ASP A 494 3.67 -18.49 -1.92
C ASP A 494 4.41 -18.66 -0.60
N HIS A 495 5.73 -18.41 -0.61
CA HIS A 495 6.52 -18.55 0.60
C HIS A 495 6.09 -17.53 1.67
N ASN A 496 5.59 -16.36 1.25
CA ASN A 496 5.10 -15.37 2.21
C ASN A 496 3.86 -15.87 2.93
N VAL A 497 2.88 -16.41 2.18
CA VAL A 497 1.67 -16.94 2.78
C VAL A 497 1.98 -18.14 3.69
N ASP A 498 2.84 -19.04 3.21
CA ASP A 498 3.25 -20.20 3.99
C ASP A 498 3.84 -19.80 5.35
N ALA A 499 4.74 -18.82 5.35
CA ALA A 499 5.41 -18.42 6.59
C ALA A 499 4.42 -17.77 7.55
N GLY A 500 3.51 -16.95 7.03
CA GLY A 500 2.50 -16.36 7.89
C GLY A 500 1.56 -17.39 8.48
N LEU A 501 0.97 -18.22 7.62
CA LEU A 501 0.09 -19.28 8.12
C LEU A 501 0.81 -20.15 9.15
N ALA A 502 2.06 -20.51 8.89
CA ALA A 502 2.82 -21.37 9.81
C ALA A 502 3.12 -20.69 11.14
N ALA A 503 3.12 -19.37 11.20
CA ALA A 503 3.35 -18.64 12.43
C ALA A 503 2.06 -18.26 13.14
N GLY A 504 0.93 -18.84 12.71
CA GLY A 504 -0.33 -18.62 13.37
C GLY A 504 -1.04 -17.34 12.99
N PHE A 505 -0.80 -16.81 11.79
CA PHE A 505 -1.43 -15.56 11.41
C PHE A 505 -2.94 -15.69 11.27
N SER A 506 -3.44 -16.87 10.90
CA SER A 506 -4.88 -17.08 10.81
C SER A 506 -5.56 -16.68 12.12
N GLY A 507 -6.49 -15.74 12.04
CA GLY A 507 -7.17 -15.29 13.22
C GLY A 507 -6.38 -14.36 14.11
N ARG A 508 -5.16 -13.96 13.73
CA ARG A 508 -4.32 -13.15 14.59
C ARG A 508 -3.67 -11.97 13.88
N ALA A 509 -3.43 -12.11 12.58
CA ALA A 509 -2.68 -11.10 11.85
C ALA A 509 -3.01 -11.25 10.37
N GLN A 510 -2.77 -10.18 9.61
CA GLN A 510 -3.11 -10.14 8.19
C GLN A 510 -2.00 -10.76 7.36
N VAL A 511 -2.40 -11.46 6.30
CA VAL A 511 -1.49 -11.93 5.26
C VAL A 511 -1.89 -11.18 4.00
N GLY A 512 -1.03 -10.27 3.54
CA GLY A 512 -1.40 -9.29 2.53
C GLY A 512 -0.57 -9.38 1.26
N LYS A 513 -1.17 -8.97 0.14
CA LYS A 513 -0.48 -8.93 -1.15
C LYS A 513 -0.64 -7.55 -1.77
N GLY A 514 -0.06 -7.48 -2.98
CA GLY A 514 0.22 -6.36 -3.87
C GLY A 514 -0.79 -5.43 -4.52
N MET A 515 -0.29 -4.25 -4.90
CA MET A 515 -1.14 -3.19 -5.42
C MET A 515 -1.55 -3.40 -6.88
N TRP A 516 -2.82 -3.16 -7.16
CA TRP A 516 -3.29 -3.06 -8.54
C TRP A 516 -3.07 -1.62 -9.01
N THR A 517 -2.29 -1.45 -10.06
CA THR A 517 -1.86 -0.11 -10.47
C THR A 517 -2.54 0.39 -11.74
N MET A 518 -3.38 -0.41 -12.41
CA MET A 518 -4.04 0.06 -13.63
C MET A 518 -5.40 0.63 -13.27
N THR A 519 -5.44 1.92 -12.93
CA THR A 519 -6.64 2.54 -12.36
C THR A 519 -7.84 2.51 -13.29
N GLU A 520 -7.62 2.45 -14.60
CA GLU A 520 -8.76 2.44 -15.49
C GLU A 520 -9.17 1.04 -15.93
N LEU A 521 -8.31 0.04 -15.76
CA LEU A 521 -8.60 -1.33 -16.18
C LEU A 521 -9.33 -2.10 -15.06
N MET A 522 -10.51 -1.61 -14.72
CA MET A 522 -11.24 -2.18 -13.58
C MET A 522 -11.90 -3.51 -13.90
N ALA A 523 -12.33 -3.73 -15.16
CA ALA A 523 -12.78 -5.08 -15.54
C ALA A 523 -11.64 -6.08 -15.42
N ASP A 524 -10.45 -5.71 -15.89
CA ASP A 524 -9.29 -6.57 -15.69
C ASP A 524 -9.06 -6.84 -14.21
N MET A 525 -9.23 -5.83 -13.36
CA MET A 525 -8.95 -6.03 -11.95
C MET A 525 -9.93 -7.01 -11.35
N VAL A 526 -11.22 -6.84 -11.65
CA VAL A 526 -12.23 -7.75 -11.12
C VAL A 526 -11.99 -9.17 -11.60
N GLU A 527 -11.49 -9.31 -12.84
CA GLU A 527 -11.29 -10.63 -13.43
C GLU A 527 -10.03 -11.31 -12.90
N THR A 528 -8.97 -10.56 -12.59
CA THR A 528 -7.73 -11.26 -12.25
C THR A 528 -7.28 -11.08 -10.80
N LYS A 529 -7.60 -9.98 -10.12
CA LYS A 529 -7.13 -9.79 -8.75
C LYS A 529 -7.73 -10.81 -7.79
N ILE A 530 -8.78 -11.54 -8.21
CA ILE A 530 -9.35 -12.62 -7.40
C ILE A 530 -8.29 -13.65 -7.02
N ALA A 531 -7.23 -13.79 -7.83
CA ALA A 531 -6.15 -14.71 -7.50
C ALA A 531 -5.61 -14.48 -6.10
N GLN A 532 -5.62 -13.22 -5.62
CA GLN A 532 -4.96 -12.94 -4.35
C GLN A 532 -5.68 -13.56 -3.16
N PRO A 533 -6.99 -13.34 -2.94
CA PRO A 533 -7.66 -14.09 -1.86
C PRO A 533 -7.68 -15.59 -2.09
N ARG A 534 -7.72 -16.01 -3.36
CA ARG A 534 -7.63 -17.43 -3.66
C ARG A 534 -6.30 -18.02 -3.20
N ALA A 535 -5.26 -17.21 -3.12
CA ALA A 535 -3.97 -17.67 -2.63
C ALA A 535 -3.85 -17.57 -1.11
N GLY A 536 -4.95 -17.30 -0.41
CA GLY A 536 -4.90 -17.22 1.03
C GLY A 536 -4.63 -15.86 1.63
N ALA A 537 -4.63 -14.79 0.83
CA ALA A 537 -4.33 -13.47 1.37
C ALA A 537 -5.57 -12.85 2.00
N SER A 538 -5.49 -12.49 3.28
CA SER A 538 -6.65 -11.86 3.93
C SER A 538 -6.85 -10.41 3.52
N THR A 539 -5.88 -9.81 2.85
CA THR A 539 -6.00 -8.43 2.38
C THR A 539 -5.07 -8.24 1.19
N ALA A 540 -5.39 -7.25 0.36
CA ALA A 540 -4.51 -6.80 -0.71
C ALA A 540 -4.81 -5.35 -1.03
N TRP A 541 -3.87 -4.71 -1.75
CA TRP A 541 -3.83 -3.25 -1.85
C TRP A 541 -4.54 -2.71 -3.09
N VAL A 542 -5.28 -1.63 -2.90
CA VAL A 542 -6.01 -0.89 -3.94
C VAL A 542 -5.64 0.58 -3.81
N PRO A 543 -5.67 1.35 -4.92
CA PRO A 543 -5.23 2.74 -4.87
C PRO A 543 -6.34 3.78 -4.83
N SER A 544 -7.61 3.36 -4.81
CA SER A 544 -8.70 4.30 -4.81
C SER A 544 -9.89 3.68 -4.09
N PRO A 545 -10.79 4.50 -3.54
CA PRO A 545 -12.02 3.94 -2.96
C PRO A 545 -12.85 3.16 -3.97
N THR A 546 -12.93 3.62 -5.21
CA THR A 546 -13.58 2.84 -6.27
C THR A 546 -12.99 1.42 -6.34
N ALA A 547 -11.66 1.33 -6.45
CA ALA A 547 -11.03 0.02 -6.54
C ALA A 547 -11.27 -0.81 -5.28
N ALA A 548 -11.42 -0.16 -4.12
CA ALA A 548 -11.71 -0.89 -2.90
C ALA A 548 -13.08 -1.57 -2.98
N THR A 549 -14.09 -0.84 -3.45
CA THR A 549 -15.45 -1.40 -3.53
C THR A 549 -15.49 -2.58 -4.50
N LEU A 550 -14.77 -2.47 -5.61
CA LEU A 550 -14.79 -3.53 -6.59
C LEU A 550 -13.97 -4.72 -6.12
N HIS A 551 -12.84 -4.47 -5.45
CA HIS A 551 -12.03 -5.58 -4.94
C HIS A 551 -12.77 -6.34 -3.84
N ALA A 552 -13.61 -5.63 -3.07
CA ALA A 552 -14.45 -6.26 -2.06
C ALA A 552 -15.26 -7.42 -2.61
N LEU A 553 -15.65 -7.34 -3.89
CA LEU A 553 -16.38 -8.45 -4.51
C LEU A 553 -15.64 -9.77 -4.39
N HIS A 554 -14.31 -9.75 -4.49
CA HIS A 554 -13.54 -10.99 -4.44
C HIS A 554 -13.63 -11.69 -3.07
N TYR A 555 -13.79 -10.93 -1.99
CA TYR A 555 -13.92 -11.52 -0.66
C TYR A 555 -15.32 -12.06 -0.40
N HIS A 556 -16.30 -11.66 -1.20
CA HIS A 556 -17.60 -12.30 -1.09
C HIS A 556 -17.66 -13.60 -1.87
N GLN A 557 -16.80 -13.74 -2.87
CA GLN A 557 -16.72 -14.95 -3.68
C GLN A 557 -15.81 -15.99 -3.09
N VAL A 558 -14.72 -15.57 -2.43
CA VAL A 558 -13.72 -16.48 -1.88
C VAL A 558 -13.82 -16.45 -0.36
N ASP A 559 -13.85 -17.64 0.25
CA ASP A 559 -13.84 -17.80 1.70
C ASP A 559 -12.39 -17.91 2.13
N VAL A 560 -11.78 -16.75 2.43
CA VAL A 560 -10.35 -16.68 2.71
C VAL A 560 -10.01 -17.52 3.94
N ALA A 561 -10.85 -17.48 4.97
CA ALA A 561 -10.55 -18.24 6.18
C ALA A 561 -10.44 -19.73 5.87
N ALA A 562 -11.39 -20.26 5.10
CA ALA A 562 -11.36 -21.65 4.66
C ALA A 562 -10.16 -21.93 3.76
N VAL A 563 -9.80 -20.98 2.88
CA VAL A 563 -8.61 -21.16 2.03
C VAL A 563 -7.35 -21.31 2.89
N GLN A 564 -7.16 -20.39 3.85
CA GLN A 564 -6.02 -20.47 4.75
C GLN A 564 -6.03 -21.79 5.53
N GLN A 565 -7.22 -22.28 5.86
CA GLN A 565 -7.32 -23.56 6.54
C GLN A 565 -6.76 -24.68 5.67
N GLY A 566 -7.13 -24.70 4.39
CA GLY A 566 -6.68 -25.74 3.48
C GLY A 566 -5.20 -25.69 3.15
N LEU A 567 -4.54 -24.57 3.44
CA LEU A 567 -3.12 -24.47 3.16
C LEU A 567 -2.26 -24.82 4.35
N ALA A 568 -2.87 -25.02 5.52
CA ALA A 568 -2.14 -25.27 6.76
C ALA A 568 -1.09 -26.35 6.58
N GLY A 569 0.16 -26.03 6.93
CA GLY A 569 1.22 -26.99 6.91
C GLY A 569 1.90 -27.22 5.58
N LYS A 570 1.36 -26.71 4.48
CA LYS A 570 1.96 -26.93 3.19
C LYS A 570 3.23 -26.11 3.02
N ARG A 571 4.17 -26.64 2.22
CA ARG A 571 5.43 -25.96 1.90
C ARG A 571 5.57 -25.95 0.37
N ARG A 572 5.22 -24.83 -0.24
CA ARG A 572 5.09 -24.73 -1.69
C ARG A 572 6.25 -24.01 -2.37
N ALA A 573 7.22 -23.51 -1.62
CA ALA A 573 8.34 -22.80 -2.22
C ALA A 573 9.64 -23.30 -1.61
N THR A 574 10.61 -23.62 -2.45
CA THR A 574 11.93 -23.97 -1.96
C THR A 574 12.85 -22.76 -2.01
N ILE A 575 13.94 -22.85 -1.23
CA ILE A 575 14.94 -21.78 -1.23
C ILE A 575 15.59 -21.64 -2.60
N GLU A 576 15.81 -22.77 -3.30
CA GLU A 576 16.32 -22.70 -4.67
C GLU A 576 15.42 -21.84 -5.55
N GLN A 577 14.10 -22.04 -5.44
CA GLN A 577 13.18 -21.28 -6.28
C GLN A 577 13.23 -19.80 -5.95
N LEU A 578 13.23 -19.47 -4.66
CA LEU A 578 13.36 -18.08 -4.25
C LEU A 578 14.59 -17.43 -4.86
N LEU A 579 15.71 -18.16 -4.89
CA LEU A 579 16.99 -17.66 -5.38
C LEU A 579 17.16 -17.76 -6.90
N THR A 580 16.10 -18.01 -7.65
CA THR A 580 16.24 -18.13 -9.10
C THR A 580 16.27 -16.74 -9.72
N ILE A 581 17.46 -16.31 -10.11
CA ILE A 581 17.70 -14.96 -10.66
C ILE A 581 17.01 -14.81 -12.01
N PRO A 582 16.29 -13.70 -12.27
CA PRO A 582 15.54 -13.56 -13.54
C PRO A 582 16.41 -13.13 -14.71
N LEU A 583 17.45 -13.92 -15.00
CA LEU A 583 18.36 -13.66 -16.12
C LEU A 583 17.70 -13.93 -17.47
N ALA A 584 17.93 -13.04 -18.43
CA ALA A 584 17.38 -13.22 -19.77
C ALA A 584 18.13 -14.32 -20.54
N LYS A 585 17.38 -15.11 -21.32
CA LYS A 585 18.02 -16.17 -22.10
C LYS A 585 18.73 -15.57 -23.31
N GLU A 586 19.55 -16.38 -23.95
CA GLU A 586 20.36 -16.01 -25.11
C GLU A 586 19.47 -15.46 -26.21
N LEU A 587 19.92 -14.42 -26.89
CA LEU A 587 19.12 -13.83 -27.94
C LEU A 587 17.93 -13.20 -27.26
N ALA A 588 16.79 -13.84 -27.29
CA ALA A 588 15.63 -13.34 -26.57
C ALA A 588 14.93 -12.13 -27.13
N TRP A 589 15.67 -11.15 -27.61
CA TRP A 589 15.05 -9.96 -28.12
C TRP A 589 15.43 -9.45 -29.46
N ALA A 590 14.45 -8.97 -30.17
CA ALA A 590 14.70 -8.30 -31.43
C ALA A 590 14.95 -6.82 -31.19
N PRO A 591 15.50 -6.11 -32.18
CA PRO A 591 15.68 -4.66 -32.02
C PRO A 591 14.42 -3.89 -31.65
N ASP A 592 13.29 -4.18 -32.30
CA ASP A 592 12.05 -3.46 -32.00
C ASP A 592 11.60 -3.69 -30.56
N GLU A 593 11.86 -4.88 -30.01
CA GLU A 593 11.50 -5.15 -28.63
C GLU A 593 12.43 -4.46 -27.65
N ILE A 594 13.74 -4.42 -27.94
CA ILE A 594 14.65 -3.67 -27.07
C ILE A 594 14.30 -2.19 -27.08
N ARG A 595 13.99 -1.63 -28.26
CA ARG A 595 13.62 -0.22 -28.36
C ARG A 595 12.33 0.07 -27.58
N GLU A 596 11.35 -0.83 -27.67
CA GLU A 596 10.07 -0.59 -27.01
C GLU A 596 10.24 -0.57 -25.49
N GLU A 597 11.01 -1.51 -24.95
CA GLU A 597 11.25 -1.56 -23.51
C GLU A 597 12.00 -0.32 -23.03
N VAL A 598 12.95 0.18 -23.83
CA VAL A 598 13.67 1.39 -23.43
C VAL A 598 12.71 2.58 -23.45
N ASP A 599 11.99 2.76 -24.56
CA ASP A 599 11.01 3.84 -24.64
C ASP A 599 10.00 3.73 -23.51
N ASN A 600 9.48 2.52 -23.27
CA ASN A 600 8.48 2.35 -22.23
C ASN A 600 9.01 2.74 -20.86
N ASN A 601 10.25 2.34 -20.54
CA ASN A 601 10.80 2.69 -19.24
C ASN A 601 11.09 4.18 -19.12
N CYS A 602 11.63 4.78 -20.19
CA CYS A 602 12.00 6.20 -20.11
C CYS A 602 10.78 7.10 -19.93
N GLN A 603 9.67 6.79 -20.60
CA GLN A 603 8.49 7.64 -20.42
C GLN A 603 7.91 7.48 -19.02
N SER A 604 7.91 6.25 -18.51
CA SER A 604 7.45 6.02 -17.14
C SER A 604 8.27 6.82 -16.14
N ILE A 605 9.60 6.69 -16.21
CA ILE A 605 10.51 7.44 -15.35
C ILE A 605 10.29 8.95 -15.49
N LEU A 606 10.25 9.44 -16.73
CA LEU A 606 10.10 10.87 -16.95
C LEU A 606 8.78 11.41 -16.40
N GLY A 607 7.68 10.71 -16.69
CA GLY A 607 6.38 11.22 -16.26
C GLY A 607 6.26 11.28 -14.76
N TYR A 608 6.81 10.28 -14.07
CA TYR A 608 6.80 10.29 -12.61
C TYR A 608 7.73 11.38 -12.08
N VAL A 609 8.99 11.35 -12.51
CA VAL A 609 10.01 12.21 -11.95
C VAL A 609 9.65 13.69 -12.15
N VAL A 610 9.05 14.04 -13.29
CA VAL A 610 8.81 15.46 -13.56
C VAL A 610 7.84 16.04 -12.54
N ARG A 611 6.84 15.27 -12.13
CA ARG A 611 5.92 15.78 -11.12
C ARG A 611 6.48 15.64 -9.72
N TRP A 612 7.32 14.63 -9.48
CA TRP A 612 8.04 14.53 -8.22
C TRP A 612 8.93 15.75 -8.01
N VAL A 613 9.85 15.99 -8.94
CA VAL A 613 10.86 17.03 -8.74
C VAL A 613 10.24 18.43 -8.82
N ASP A 614 9.32 18.64 -9.74
CA ASP A 614 8.84 20.01 -9.95
C ASP A 614 7.75 20.38 -8.97
N GLN A 615 6.76 19.51 -8.78
CA GLN A 615 5.58 19.85 -8.00
C GLN A 615 5.47 19.04 -6.71
N GLY A 616 6.48 18.22 -6.39
CA GLY A 616 6.46 17.44 -5.17
C GLY A 616 5.29 16.49 -5.03
N VAL A 617 4.84 15.89 -6.12
CA VAL A 617 3.78 14.89 -6.09
C VAL A 617 4.43 13.51 -6.16
N GLY A 618 4.20 12.69 -5.13
CA GLY A 618 4.81 11.37 -5.07
C GLY A 618 4.03 10.23 -5.72
N ALA A 619 2.79 10.46 -6.14
CA ALA A 619 2.06 9.44 -6.89
C ALA A 619 1.36 10.11 -8.05
N SER A 620 1.54 9.57 -9.26
CA SER A 620 0.98 10.21 -10.43
C SER A 620 0.50 9.16 -11.41
N LYS A 621 -0.60 9.47 -12.08
CA LYS A 621 -1.09 8.64 -13.15
C LYS A 621 -0.27 8.95 -14.39
N VAL A 622 0.45 7.94 -14.91
CA VAL A 622 1.34 8.12 -16.05
C VAL A 622 1.01 7.07 -17.12
N PRO A 623 0.64 7.46 -18.33
CA PRO A 623 0.39 6.46 -19.38
C PRO A 623 1.68 5.89 -19.90
N ASP A 624 1.67 4.59 -20.17
CA ASP A 624 2.87 3.92 -20.67
C ASP A 624 2.90 3.97 -22.21
N ILE A 625 3.78 3.16 -22.81
CA ILE A 625 3.95 3.19 -24.26
C ILE A 625 2.73 2.64 -24.99
N HIS A 626 1.91 1.84 -24.32
CA HIS A 626 0.67 1.31 -24.87
C HIS A 626 -0.53 2.15 -24.46
N ASP A 627 -0.30 3.33 -23.88
CA ASP A 627 -1.31 4.29 -23.51
C ASP A 627 -2.19 3.86 -22.33
N VAL A 628 -1.77 2.82 -21.60
CA VAL A 628 -2.45 2.39 -20.37
C VAL A 628 -2.01 3.27 -19.20
N ALA A 629 -2.98 3.78 -18.44
CA ALA A 629 -2.70 4.67 -17.31
C ALA A 629 -2.26 3.86 -16.09
N LEU A 630 -1.02 4.08 -15.66
CA LEU A 630 -0.45 3.41 -14.49
C LEU A 630 -0.28 4.40 -13.35
N MET A 631 -0.68 3.99 -12.14
CA MET A 631 -0.33 4.71 -10.91
C MET A 631 1.11 4.39 -10.57
N GLU A 632 2.00 5.34 -10.80
CA GLU A 632 3.41 5.15 -10.53
C GLU A 632 3.76 5.77 -9.19
N ASP A 633 4.60 5.09 -8.43
CA ASP A 633 5.16 5.62 -7.19
C ASP A 633 6.66 5.30 -7.21
N ARG A 634 7.31 5.41 -6.04
CA ARG A 634 8.76 5.26 -6.01
C ARG A 634 9.20 3.84 -6.37
N ALA A 635 8.38 2.83 -6.03
CA ALA A 635 8.76 1.45 -6.29
C ALA A 635 8.83 1.15 -7.78
N THR A 636 7.78 1.50 -8.54
CA THR A 636 7.85 1.32 -9.98
C THR A 636 9.01 2.10 -10.58
N LEU A 637 9.28 3.30 -10.06
CA LEU A 637 10.50 4.03 -10.43
C LEU A 637 11.76 3.22 -10.12
N ARG A 638 11.80 2.54 -8.96
CA ARG A 638 12.99 1.73 -8.68
C ARG A 638 13.17 0.64 -9.75
N ILE A 639 12.07 0.02 -10.17
CA ILE A 639 12.14 -1.05 -11.15
C ILE A 639 12.66 -0.51 -12.48
N SER A 640 12.03 0.55 -12.99
CA SER A 640 12.35 1.03 -14.33
C SER A 640 13.81 1.47 -14.44
N SER A 641 14.27 2.28 -13.48
CA SER A 641 15.65 2.76 -13.55
C SER A 641 16.65 1.62 -13.36
N GLN A 642 16.36 0.67 -12.45
CA GLN A 642 17.29 -0.44 -12.24
C GLN A 642 17.37 -1.32 -13.48
N LEU A 643 16.24 -1.54 -14.14
CA LEU A 643 16.23 -2.41 -15.32
C LEU A 643 17.08 -1.80 -16.43
N LEU A 644 16.91 -0.50 -16.69
CA LEU A 644 17.74 0.16 -17.71
C LEU A 644 19.21 0.18 -17.28
N ALA A 645 19.47 0.48 -16.01
CA ALA A 645 20.84 0.39 -15.50
C ALA A 645 21.45 -0.97 -15.78
N ASN A 646 20.66 -2.04 -15.62
CA ASN A 646 21.19 -3.39 -15.82
C ASN A 646 21.43 -3.66 -17.30
N TRP A 647 20.52 -3.19 -18.15
CA TRP A 647 20.71 -3.30 -19.59
C TRP A 647 21.91 -2.48 -20.05
N LEU A 648 22.06 -1.24 -19.56
CA LEU A 648 23.23 -0.45 -19.93
C LEU A 648 24.51 -1.14 -19.45
N ARG A 649 24.42 -1.88 -18.35
CA ARG A 649 25.61 -2.44 -17.73
C ARG A 649 26.10 -3.69 -18.47
N HIS A 650 25.22 -4.40 -19.16
CA HIS A 650 25.59 -5.64 -19.82
C HIS A 650 25.56 -5.54 -21.34
N GLY A 651 25.64 -4.34 -21.89
CA GLY A 651 25.78 -4.20 -23.32
C GLY A 651 24.51 -4.36 -24.11
N VAL A 652 23.34 -4.46 -23.46
CA VAL A 652 22.11 -4.60 -24.22
C VAL A 652 21.81 -3.33 -24.99
N ILE A 653 21.99 -2.17 -24.36
CA ILE A 653 21.79 -0.88 -24.99
C ILE A 653 23.01 -0.01 -24.73
N THR A 654 23.06 1.13 -25.41
CA THR A 654 24.15 2.08 -25.27
C THR A 654 23.67 3.34 -24.57
N SER A 655 24.62 4.12 -24.05
CA SER A 655 24.26 5.38 -23.43
C SER A 655 23.55 6.31 -24.42
N ALA A 656 23.84 6.18 -25.72
CA ALA A 656 23.13 7.02 -26.68
C ALA A 656 21.68 6.62 -26.78
N ASP A 657 21.39 5.31 -26.71
CA ASP A 657 20.01 4.85 -26.73
C ASP A 657 19.22 5.44 -25.58
N VAL A 658 19.77 5.38 -24.37
CA VAL A 658 19.12 5.99 -23.21
C VAL A 658 18.84 7.46 -23.48
N ARG A 659 19.87 8.20 -23.89
CA ARG A 659 19.73 9.63 -24.09
C ARG A 659 18.69 9.94 -25.14
N ALA A 660 18.71 9.19 -26.24
CA ALA A 660 17.77 9.45 -27.32
C ALA A 660 16.35 9.13 -26.88
N SER A 661 16.17 7.99 -26.22
CA SER A 661 14.85 7.63 -25.70
C SER A 661 14.33 8.69 -24.74
N LEU A 662 15.16 9.11 -23.78
CA LEU A 662 14.75 10.17 -22.87
C LEU A 662 14.36 11.43 -23.64
N GLU A 663 15.17 11.81 -24.63
CA GLU A 663 14.85 13.03 -25.38
C GLU A 663 13.64 12.82 -26.27
N ARG A 664 13.42 11.59 -26.76
CA ARG A 664 12.23 11.24 -27.53
C ARG A 664 10.96 11.39 -26.69
N MET A 665 10.94 10.82 -25.48
CA MET A 665 9.70 10.74 -24.73
C MET A 665 9.38 12.02 -23.97
N ALA A 666 10.39 12.85 -23.69
CA ALA A 666 10.16 14.07 -22.91
C ALA A 666 9.08 14.98 -23.51
N PRO A 667 9.10 15.32 -24.81
CA PRO A 667 8.02 16.15 -25.34
C PRO A 667 6.65 15.52 -25.16
N LEU A 668 6.55 14.20 -25.25
CA LEU A 668 5.26 13.54 -25.07
C LEU A 668 4.76 13.71 -23.64
N VAL A 669 5.65 13.56 -22.67
CA VAL A 669 5.27 13.78 -21.29
C VAL A 669 4.84 15.23 -21.09
N ASP A 670 5.58 16.18 -21.67
CA ASP A 670 5.21 17.59 -21.60
C ASP A 670 3.79 17.83 -22.09
N ARG A 671 3.34 17.06 -23.09
CA ARG A 671 2.01 17.26 -23.62
C ARG A 671 0.95 16.80 -22.64
N GLN A 672 1.15 15.63 -22.02
CA GLN A 672 0.21 15.10 -21.04
C GLN A 672 0.10 15.96 -19.80
N ASN A 673 0.87 17.04 -19.69
CA ASN A 673 0.86 17.89 -18.50
C ASN A 673 0.59 19.35 -18.80
N ALA A 674 0.28 19.70 -20.06
CA ALA A 674 0.21 21.09 -20.48
C ALA A 674 -1.00 21.82 -19.91
N VAL A 677 -2.37 23.21 -16.39
CA VAL A 677 -1.60 22.94 -15.18
C VAL A 677 -0.58 24.07 -14.97
N ALA A 678 0.12 24.07 -13.83
CA ALA A 678 1.23 25.00 -13.58
C ALA A 678 2.52 24.20 -13.72
N TYR A 679 2.89 23.92 -14.96
CA TYR A 679 3.86 22.89 -15.32
C TYR A 679 5.03 23.49 -16.10
N ARG A 680 6.25 23.07 -15.76
CA ARG A 680 7.47 23.53 -16.44
C ARG A 680 7.95 22.52 -17.47
N PRO A 681 7.82 22.80 -18.77
CA PRO A 681 8.24 21.81 -19.77
C PRO A 681 9.71 21.43 -19.64
N MET A 682 10.05 20.22 -20.07
CA MET A 682 11.43 19.76 -20.01
C MET A 682 12.17 20.09 -21.30
N ALA A 683 11.54 19.76 -22.43
CA ALA A 683 12.09 20.04 -23.75
C ALA A 683 11.80 21.49 -24.06
N PRO A 684 12.58 22.12 -24.94
CA PRO A 684 13.72 21.54 -25.66
C PRO A 684 15.06 21.67 -24.94
N ASN A 685 15.12 22.53 -23.93
CA ASN A 685 16.37 22.78 -23.20
C ASN A 685 16.50 21.76 -22.06
N PHE A 686 16.75 20.51 -22.47
CA PHE A 686 16.72 19.39 -21.54
C PHE A 686 17.67 19.61 -20.36
N ASP A 687 18.94 19.86 -20.65
CA ASP A 687 19.91 20.03 -19.58
C ASP A 687 19.70 21.32 -18.76
N ASP A 688 18.64 22.08 -19.00
CA ASP A 688 18.25 23.17 -18.10
C ASP A 688 17.13 22.77 -17.15
N SER A 689 16.46 21.64 -17.40
CA SER A 689 15.40 21.15 -16.53
C SER A 689 15.99 20.27 -15.44
N ILE A 690 15.77 20.66 -14.19
CA ILE A 690 16.26 19.83 -13.08
C ILE A 690 15.58 18.46 -13.09
N ALA A 691 14.28 18.43 -13.39
CA ALA A 691 13.57 17.15 -13.44
C ALA A 691 14.16 16.23 -14.49
N PHE A 692 14.45 16.76 -15.69
CA PHE A 692 15.03 15.93 -16.73
C PHE A 692 16.36 15.34 -16.30
N LEU A 693 17.21 16.15 -15.67
CA LEU A 693 18.51 15.65 -15.24
C LEU A 693 18.38 14.63 -14.12
N ALA A 694 17.31 14.74 -13.31
CA ALA A 694 17.09 13.72 -12.28
C ALA A 694 16.80 12.37 -12.92
N ALA A 695 15.94 12.36 -13.94
CA ALA A 695 15.64 11.13 -14.66
C ALA A 695 16.90 10.51 -15.24
N GLN A 696 17.71 11.34 -15.92
CA GLN A 696 18.96 10.86 -16.47
C GLN A 696 19.83 10.25 -15.37
N GLU A 697 19.95 10.97 -14.25
CA GLU A 697 20.85 10.53 -13.18
C GLU A 697 20.40 9.21 -12.57
N LEU A 698 19.07 9.00 -12.44
CA LEU A 698 18.57 7.77 -11.84
C LEU A 698 18.93 6.56 -12.68
N ILE A 699 19.06 6.73 -13.99
CA ILE A 699 19.46 5.64 -14.85
C ILE A 699 20.98 5.48 -14.85
N LEU A 700 21.72 6.58 -15.07
CA LEU A 700 23.16 6.46 -15.26
C LEU A 700 23.88 6.13 -13.96
N SER A 701 23.33 6.55 -12.82
CA SER A 701 23.88 6.21 -11.52
C SER A 701 23.10 5.10 -10.83
N GLY A 702 22.13 4.49 -11.52
CA GLY A 702 21.28 3.50 -10.87
C GLY A 702 22.08 2.38 -10.24
N ALA A 703 23.09 1.89 -10.95
CA ALA A 703 23.86 0.77 -10.44
C ALA A 703 24.65 1.12 -9.19
N GLN A 704 24.89 2.41 -8.96
CA GLN A 704 25.66 2.85 -7.81
C GLN A 704 24.80 3.29 -6.62
N GLN A 705 23.47 3.33 -6.77
CA GLN A 705 22.63 3.70 -5.63
C GLN A 705 22.45 2.52 -4.68
N PRO A 706 22.39 2.77 -3.37
CA PRO A 706 22.38 1.66 -2.42
C PRO A 706 21.12 0.83 -2.58
N ASN A 707 21.31 -0.45 -2.92
CA ASN A 707 20.21 -1.38 -3.15
C ASN A 707 19.27 -0.89 -4.23
N GLY A 708 19.75 0.03 -5.07
CA GLY A 708 18.94 0.60 -6.12
C GLY A 708 17.95 1.65 -5.69
N TYR A 709 18.09 2.19 -4.48
CA TYR A 709 17.06 3.11 -3.99
C TYR A 709 17.08 4.45 -4.72
N THR A 710 15.88 4.98 -4.97
CA THR A 710 15.71 6.22 -5.70
C THR A 710 15.69 7.46 -4.78
N GLU A 711 15.54 7.29 -3.47
CA GLU A 711 15.34 8.47 -2.61
C GLU A 711 16.55 9.40 -2.60
N PRO A 712 17.80 8.93 -2.52
CA PRO A 712 18.92 9.87 -2.52
C PRO A 712 18.82 10.88 -3.66
N ILE A 713 18.73 10.39 -4.89
CA ILE A 713 18.72 11.29 -6.03
C ILE A 713 17.46 12.16 -6.04
N LEU A 714 16.30 11.57 -5.76
CA LEU A 714 15.05 12.33 -5.82
C LEU A 714 15.04 13.45 -4.78
N HIS A 715 15.48 13.16 -3.55
CA HIS A 715 15.49 14.14 -2.50
C HIS A 715 16.45 15.27 -2.82
N ARG A 716 17.64 14.93 -3.30
CA ARG A 716 18.61 15.94 -3.68
C ARG A 716 18.07 16.84 -4.79
N ARG A 717 17.45 16.26 -5.84
CA ARG A 717 17.01 17.06 -6.98
C ARG A 717 15.79 17.90 -6.64
N ARG A 718 14.89 17.37 -5.80
CA ARG A 718 13.73 18.16 -5.39
C ARG A 718 14.15 19.34 -4.55
N ARG A 719 15.16 19.14 -3.69
CA ARG A 719 15.66 20.26 -2.89
C ARG A 719 16.39 21.26 -3.75
N GLU A 720 17.19 20.77 -4.70
CA GLU A 720 17.81 21.66 -5.66
C GLU A 720 16.76 22.50 -6.39
N PHE A 721 15.64 21.88 -6.83
CA PHE A 721 14.61 22.64 -7.53
C PHE A 721 13.95 23.67 -6.62
N LYS A 722 13.66 23.29 -5.36
CA LYS A 722 13.06 24.24 -4.43
C LYS A 722 13.93 25.47 -4.24
N ALA A 723 15.26 25.26 -4.20
CA ALA A 723 16.18 26.36 -4.00
C ALA A 723 16.18 27.30 -5.20
N ARG A 724 16.12 26.77 -6.42
CA ARG A 724 16.05 27.64 -7.60
C ARG A 724 14.75 28.44 -7.62
N ALA A 725 13.65 27.81 -7.22
CA ALA A 725 12.36 28.48 -7.26
C ALA A 725 12.24 29.58 -6.21
N ALA A 726 13.24 29.76 -5.34
CA ALA A 726 13.20 30.76 -4.29
C ALA A 726 14.09 31.96 -4.55
N GLU A 727 14.81 31.99 -5.66
CA GLU A 727 15.66 33.13 -6.01
C GLU A 727 15.29 33.71 -7.38
#